data_1E18
#
_entry.id   1E18
#
_cell.length_a   80.920
_cell.length_b   80.920
_cell.length_c   229.780
_cell.angle_alpha   90.00
_cell.angle_beta   90.00
_cell.angle_gamma   90.00
#
_symmetry.space_group_name_H-M   'P 41 21 2'
#
loop_
_entity.id
_entity.type
_entity.pdbx_description
1 polymer 'DMSO REDUCTASE.'
2 non-polymer '2-AMINO-5,6-DIMERCAPTO-7-METHYL-3,7,8A,9-TETRAHYDRO-8-OXA-1,3,9,10-TETRAAZA-ANTHRACEN-4-ONE GUANOSINE DINUCLEOTIDE'
3 non-polymer OXO-TUNGSTEN(VI)
4 non-polymer ETHANOL
5 water water
#
_entity_poly.entity_id   1
_entity_poly.type   'polypeptide(L)'
_entity_poly.pdbx_seq_one_letter_code
;MTKFSGNELRAELYRRAFLSYSVAPGALGMFGRSLLAKGARAEALANGTVMSGSHWGVFTATVENGRATAFTPWEKDPHP
SPMLAGVLDSIYSPTRIKYPMVRREFLEKGVNADRSTRGNGDFVRVSWDQALDLVAAEVKRVEETYGPQGVFGGSYGWKS
PGRLHNCTTLLRRMLTLAGGYVNGAGDYSTGAAQVIMPHVVGTLEVYEQQTAWPVLAENTEVMVFWAADPIKTSQIGWVI
PEHGAYPGLEALKAKGTKVIVIDPVRTKTVEFFGAEHITPKPQTDVAIMLGMAHTLVAEDLYDKDFIANYTSGFDKFLPY
LDGETDSTPKTAEWAEGISGVPAETIKELARLFESKRTMLAAGWSMQRMHHGEQAHWMLVTLASMLGQIGLPGGGFGLSY
HYSGGGTPSTSGPALAGITDGGAATKGPEWLAASGASVIPVARVVDMLENPGAEFDFNGTRSKFPDVKMAYWVGGNPFVH
HQDRNRMVKAWEKLETFVVHDFQWTPTARHADIVLPATTSYERNDIETIGDYSNTGILAMKKIVEPLYEARSDYDIFAAV
AERLGKGKEFTEGKDEMGWIKSFYDDAAKQGKAAGVEMPAFDAFWAEGIVEFPVTDGADFVRYASFREDPLLNPLGTPTG
LIEIYSKNIEKMGYDDCPAHPTWMEPLERLDGPGAKYPLHIAASHPFNRLHSQLNGTVLREGYAVQGHEPCLMHPDDAAA
RGIADGDVVRVHNDRGQILTGVKVTDAVMKGVIQIYEGGWYDPSDVTEPGTLDKYGDVNVLSADIGTSKLAQGNCGQTVL
AEVEKYTGPAVTLTGFVAPKAAE
;
_entity_poly.pdbx_strand_id   A
#
# COMPACT_ATOMS: atom_id res chain seq x y z
N LEU A 45 -36.87 -17.89 1.91
CA LEU A 45 -35.55 -17.22 2.17
C LEU A 45 -34.57 -18.18 2.79
N ALA A 46 -33.31 -18.09 2.38
CA ALA A 46 -32.27 -19.00 2.81
C ALA A 46 -31.91 -18.88 4.29
N ASN A 47 -31.67 -20.02 4.91
CA ASN A 47 -31.14 -20.18 6.25
C ASN A 47 -29.94 -21.13 6.17
N GLY A 48 -28.80 -20.82 6.80
CA GLY A 48 -27.73 -21.83 6.70
C GLY A 48 -26.38 -21.15 6.89
N THR A 49 -25.30 -21.88 6.57
CA THR A 49 -23.95 -21.36 6.77
C THR A 49 -23.17 -21.51 5.47
N VAL A 50 -22.26 -20.57 5.20
CA VAL A 50 -21.47 -20.61 3.97
C VAL A 50 -20.05 -20.13 4.30
N MET A 51 -19.05 -20.76 3.74
CA MET A 51 -17.66 -20.38 3.96
C MET A 51 -17.16 -19.55 2.78
N SER A 52 -16.42 -18.47 3.08
CA SER A 52 -15.80 -17.63 2.07
C SER A 52 -14.54 -16.95 2.65
N GLY A 53 -14.03 -15.93 1.96
CA GLY A 53 -12.81 -15.28 2.47
C GLY A 53 -12.75 -13.85 1.93
N SER A 54 -11.73 -13.14 2.42
CA SER A 54 -11.57 -11.72 2.12
C SER A 54 -10.12 -11.32 2.37
N HIS A 55 -9.78 -10.04 2.20
CA HIS A 55 -8.47 -9.57 2.55
C HIS A 55 -8.14 -9.78 4.03
N TRP A 56 -9.11 -9.98 4.91
CA TRP A 56 -8.92 -10.12 6.33
C TRP A 56 -8.90 -11.56 6.82
N GLY A 57 -9.20 -12.54 5.95
CA GLY A 57 -9.06 -13.94 6.34
C GLY A 57 -10.22 -14.80 5.83
N VAL A 58 -10.17 -16.08 6.15
CA VAL A 58 -11.24 -17.03 5.82
C VAL A 58 -12.29 -17.00 6.93
N PHE A 59 -13.57 -17.16 6.64
CA PHE A 59 -14.61 -17.14 7.66
C PHE A 59 -15.84 -17.92 7.21
N THR A 60 -16.77 -18.14 8.16
CA THR A 60 -18.03 -18.82 7.85
C THR A 60 -19.14 -17.84 8.11
N ALA A 61 -20.05 -17.61 7.16
CA ALA A 61 -21.10 -16.65 7.43
C ALA A 61 -22.37 -17.39 7.89
N THR A 62 -23.10 -16.79 8.83
CA THR A 62 -24.38 -17.36 9.21
C THR A 62 -25.44 -16.58 8.42
N VAL A 63 -26.36 -17.24 7.73
CA VAL A 63 -27.38 -16.54 6.97
C VAL A 63 -28.75 -16.87 7.57
N GLU A 64 -29.59 -15.88 7.82
CA GLU A 64 -30.91 -16.05 8.40
C GLU A 64 -31.89 -15.27 7.57
N ASN A 65 -32.83 -15.96 6.97
CA ASN A 65 -33.81 -15.36 6.07
C ASN A 65 -33.15 -14.54 4.98
N GLY A 66 -32.09 -15.05 4.33
CA GLY A 66 -31.52 -14.29 3.20
C GLY A 66 -30.61 -13.14 3.57
N ARG A 67 -30.29 -12.99 4.85
CA ARG A 67 -29.40 -11.91 5.27
C ARG A 67 -28.24 -12.47 6.08
N ALA A 68 -27.03 -12.00 5.84
CA ALA A 68 -25.88 -12.46 6.61
C ALA A 68 -25.99 -11.81 7.99
N THR A 69 -25.84 -12.60 9.05
CA THR A 69 -25.97 -12.02 10.41
C THR A 69 -24.75 -12.16 11.29
N ALA A 70 -23.75 -12.94 10.90
CA ALA A 70 -22.51 -13.09 11.64
C ALA A 70 -21.41 -13.63 10.73
N PHE A 71 -20.16 -13.23 10.94
CA PHE A 71 -19.02 -13.78 10.23
C PHE A 71 -18.15 -14.38 11.35
N THR A 72 -17.91 -15.69 11.35
CA THR A 72 -17.12 -16.34 12.37
C THR A 72 -15.78 -16.75 11.76
N PRO A 73 -14.67 -16.46 12.42
CA PRO A 73 -13.36 -16.80 11.87
C PRO A 73 -13.23 -18.29 11.63
N TRP A 74 -12.43 -18.67 10.65
CA TRP A 74 -12.09 -20.03 10.29
C TRP A 74 -11.40 -20.65 11.51
N GLU A 75 -11.75 -21.90 11.83
CA GLU A 75 -11.18 -22.57 12.99
C GLU A 75 -9.69 -22.77 12.86
N LYS A 76 -9.10 -22.86 11.68
CA LYS A 76 -7.65 -23.03 11.60
C LYS A 76 -6.89 -21.71 11.54
N ASP A 77 -7.56 -20.54 11.63
CA ASP A 77 -6.79 -19.29 11.56
C ASP A 77 -6.14 -19.08 12.92
N PRO A 78 -4.83 -18.94 12.99
CA PRO A 78 -4.13 -18.75 14.25
C PRO A 78 -4.35 -17.39 14.88
N HIS A 79 -4.81 -16.38 14.13
CA HIS A 79 -4.99 -15.07 14.75
C HIS A 79 -5.92 -14.21 13.93
N PRO A 80 -7.21 -14.42 14.07
CA PRO A 80 -8.23 -13.67 13.34
C PRO A 80 -8.14 -12.17 13.57
N SER A 81 -8.59 -11.40 12.58
CA SER A 81 -8.62 -9.95 12.78
C SER A 81 -9.96 -9.54 13.39
N PRO A 82 -9.93 -8.62 14.35
CA PRO A 82 -11.11 -8.02 14.93
C PRO A 82 -11.87 -7.19 13.92
N MET A 83 -11.31 -6.85 12.75
CA MET A 83 -12.06 -6.10 11.74
C MET A 83 -13.10 -6.94 11.02
N LEU A 84 -13.11 -8.27 11.15
CA LEU A 84 -14.15 -9.05 10.47
C LEU A 84 -15.57 -8.61 10.69
N ALA A 85 -15.94 -8.16 11.89
CA ALA A 85 -17.34 -7.71 12.07
C ALA A 85 -17.65 -6.50 11.19
N GLY A 86 -16.65 -5.67 10.88
CA GLY A 86 -16.91 -4.51 10.01
C GLY A 86 -17.10 -4.90 8.55
N VAL A 87 -16.47 -6.00 8.12
CA VAL A 87 -16.61 -6.49 6.76
C VAL A 87 -18.08 -6.84 6.50
N LEU A 88 -18.68 -7.56 7.46
CA LEU A 88 -20.10 -7.92 7.37
C LEU A 88 -20.97 -6.65 7.30
N ASP A 89 -20.69 -5.70 8.20
CA ASP A 89 -21.47 -4.46 8.23
C ASP A 89 -21.29 -3.64 6.94
N SER A 90 -20.19 -3.72 6.22
CA SER A 90 -20.00 -2.96 4.97
C SER A 90 -20.93 -3.35 3.85
N ILE A 91 -21.51 -4.56 3.93
CA ILE A 91 -22.52 -5.02 2.96
C ILE A 91 -23.81 -4.22 3.09
N TYR A 92 -24.18 -3.80 4.30
CA TYR A 92 -25.46 -3.19 4.59
C TYR A 92 -25.45 -1.78 5.15
N SER A 93 -24.29 -1.18 5.37
CA SER A 93 -24.25 0.08 6.07
C SER A 93 -24.91 1.18 5.30
N PRO A 94 -25.21 2.30 5.97
CA PRO A 94 -25.82 3.48 5.39
C PRO A 94 -25.15 3.99 4.11
N THR A 95 -23.84 3.83 4.00
CA THR A 95 -23.15 4.31 2.79
C THR A 95 -23.07 3.32 1.66
N ARG A 96 -23.81 2.21 1.73
CA ARG A 96 -23.83 1.27 0.61
C ARG A 96 -24.42 1.97 -0.60
N ILE A 97 -23.89 1.83 -1.79
CA ILE A 97 -24.42 2.50 -2.99
C ILE A 97 -25.53 1.66 -3.59
N LYS A 98 -26.72 2.23 -3.67
CA LYS A 98 -27.87 1.46 -4.13
C LYS A 98 -28.08 1.43 -5.63
N TYR A 99 -27.96 2.59 -6.27
CA TYR A 99 -28.33 2.71 -7.70
C TYR A 99 -27.33 3.48 -8.54
N PRO A 100 -27.37 3.29 -9.86
CA PRO A 100 -26.52 4.02 -10.79
C PRO A 100 -26.91 5.49 -10.76
N MET A 101 -25.93 6.39 -10.68
CA MET A 101 -26.21 7.80 -10.57
C MET A 101 -25.32 8.60 -11.52
N VAL A 102 -25.87 9.74 -11.96
CA VAL A 102 -25.09 10.64 -12.82
C VAL A 102 -25.12 12.02 -12.19
N ARG A 103 -23.96 12.69 -12.14
CA ARG A 103 -23.89 14.04 -11.59
C ARG A 103 -24.77 14.98 -12.45
N ARG A 104 -25.66 15.72 -11.77
CA ARG A 104 -26.63 16.55 -12.48
C ARG A 104 -26.02 17.50 -13.51
N GLU A 105 -24.97 18.21 -13.13
CA GLU A 105 -24.28 19.07 -14.08
C GLU A 105 -23.75 18.33 -15.30
N PHE A 106 -23.20 17.12 -15.08
CA PHE A 106 -22.66 16.35 -16.20
C PHE A 106 -23.78 15.86 -17.09
N LEU A 107 -24.90 15.44 -16.49
CA LEU A 107 -26.05 14.97 -17.28
C LEU A 107 -26.53 16.09 -18.22
N GLU A 108 -26.62 17.30 -17.70
CA GLU A 108 -27.15 18.43 -18.42
C GLU A 108 -26.18 19.06 -19.40
N LYS A 109 -24.91 19.18 -19.06
CA LYS A 109 -23.93 19.85 -19.91
C LYS A 109 -22.75 19.06 -20.44
N GLY A 110 -22.56 17.79 -20.05
CA GLY A 110 -21.43 17.03 -20.60
C GLY A 110 -20.10 17.70 -20.36
N VAL A 111 -19.29 17.84 -21.42
CA VAL A 111 -17.97 18.43 -21.33
C VAL A 111 -18.03 19.91 -21.00
N ASN A 112 -19.17 20.58 -21.08
CA ASN A 112 -19.30 21.98 -20.70
C ASN A 112 -19.72 22.14 -19.24
N ALA A 113 -19.83 21.03 -18.49
CA ALA A 113 -20.26 21.15 -17.10
C ALA A 113 -19.27 21.97 -16.29
N ASP A 114 -19.78 22.61 -15.24
CA ASP A 114 -18.93 23.30 -14.26
C ASP A 114 -18.30 22.18 -13.42
N ARG A 115 -16.99 22.00 -13.48
CA ARG A 115 -16.29 20.91 -12.84
C ARG A 115 -15.85 21.15 -11.42
N SER A 116 -16.00 22.37 -10.92
CA SER A 116 -15.65 22.69 -9.56
C SER A 116 -16.67 22.18 -8.56
N THR A 117 -17.85 21.74 -8.95
CA THR A 117 -18.85 21.28 -8.00
C THR A 117 -18.82 19.76 -7.83
N ARG A 118 -17.87 19.09 -8.51
CA ARG A 118 -17.80 17.65 -8.29
C ARG A 118 -17.64 17.40 -6.78
N GLY A 119 -18.37 16.46 -6.20
CA GLY A 119 -18.26 16.18 -4.78
C GLY A 119 -19.35 16.82 -3.93
N ASN A 120 -20.18 17.74 -4.44
CA ASN A 120 -21.26 18.33 -3.65
C ASN A 120 -22.49 17.42 -3.48
N GLY A 121 -22.54 16.25 -4.11
CA GLY A 121 -23.66 15.35 -3.88
C GLY A 121 -24.89 15.58 -4.72
N ASP A 122 -24.80 16.44 -5.73
CA ASP A 122 -25.95 16.71 -6.58
C ASP A 122 -26.05 15.71 -7.72
N PHE A 123 -26.58 14.52 -7.41
CA PHE A 123 -26.71 13.42 -8.34
C PHE A 123 -28.13 13.13 -8.77
N VAL A 124 -28.25 12.51 -9.93
CA VAL A 124 -29.56 12.09 -10.44
C VAL A 124 -29.57 10.57 -10.60
N ARG A 125 -30.62 9.90 -10.14
CA ARG A 125 -30.70 8.44 -10.30
C ARG A 125 -31.15 8.12 -11.72
N VAL A 126 -30.46 7.19 -12.41
CA VAL A 126 -30.83 6.81 -13.75
C VAL A 126 -31.00 5.29 -13.84
N SER A 127 -31.51 4.79 -14.97
CA SER A 127 -31.65 3.34 -15.09
C SER A 127 -30.29 2.75 -15.50
N TRP A 128 -30.11 1.44 -15.33
CA TRP A 128 -28.86 0.84 -15.76
C TRP A 128 -28.63 1.04 -17.24
N ASP A 129 -29.68 0.86 -18.06
CA ASP A 129 -29.51 0.99 -19.52
C ASP A 129 -29.02 2.35 -19.94
N GLN A 130 -29.55 3.40 -19.36
CA GLN A 130 -29.10 4.75 -19.63
C GLN A 130 -27.64 4.90 -19.21
N ALA A 131 -27.34 4.45 -17.97
CA ALA A 131 -25.95 4.59 -17.50
C ALA A 131 -24.94 3.89 -18.39
N LEU A 132 -25.24 2.66 -18.81
CA LEU A 132 -24.29 1.89 -19.63
C LEU A 132 -24.11 2.53 -21.00
N ASP A 133 -25.22 3.05 -21.56
CA ASP A 133 -25.14 3.72 -22.84
C ASP A 133 -24.23 4.93 -22.69
N LEU A 134 -24.37 5.71 -21.63
CA LEU A 134 -23.53 6.89 -21.48
C LEU A 134 -22.06 6.59 -21.27
N VAL A 135 -21.76 5.59 -20.44
CA VAL A 135 -20.36 5.23 -20.19
C VAL A 135 -19.73 4.75 -21.49
N ALA A 136 -20.46 3.87 -22.17
CA ALA A 136 -19.94 3.37 -23.44
C ALA A 136 -19.71 4.48 -24.49
N ALA A 137 -20.62 5.45 -24.55
CA ALA A 137 -20.45 6.54 -25.54
C ALA A 137 -19.29 7.44 -25.15
N GLU A 138 -19.08 7.66 -23.84
CA GLU A 138 -17.97 8.51 -23.40
C GLU A 138 -16.62 7.84 -23.59
N VAL A 139 -16.52 6.53 -23.32
CA VAL A 139 -15.27 5.82 -23.58
C VAL A 139 -14.95 5.91 -25.07
N LYS A 140 -15.93 5.65 -25.94
CA LYS A 140 -15.69 5.70 -27.40
C LYS A 140 -15.39 7.14 -27.88
N ARG A 141 -16.09 8.16 -27.40
CA ARG A 141 -15.81 9.53 -27.79
C ARG A 141 -14.34 9.92 -27.49
N VAL A 142 -13.88 9.64 -26.28
CA VAL A 142 -12.54 9.94 -25.85
C VAL A 142 -11.53 9.13 -26.65
N GLU A 143 -11.76 7.83 -26.85
CA GLU A 143 -10.81 7.09 -27.67
C GLU A 143 -10.73 7.60 -29.12
N GLU A 144 -11.83 8.03 -29.72
CA GLU A 144 -11.78 8.52 -31.09
C GLU A 144 -11.20 9.92 -31.18
N THR A 145 -11.57 10.78 -30.22
CA THR A 145 -11.15 12.16 -30.24
C THR A 145 -9.70 12.33 -29.85
N TYR A 146 -9.29 11.66 -28.76
CA TYR A 146 -7.94 11.85 -28.26
C TYR A 146 -7.01 10.66 -28.37
N GLY A 147 -7.47 9.49 -28.79
CA GLY A 147 -6.54 8.34 -28.87
C GLY A 147 -6.48 7.69 -27.47
N PRO A 148 -5.72 6.60 -27.39
CA PRO A 148 -5.56 5.84 -26.14
C PRO A 148 -4.86 6.63 -25.05
N GLN A 149 -4.05 7.62 -25.42
CA GLN A 149 -3.38 8.50 -24.47
C GLN A 149 -4.38 9.41 -23.75
N GLY A 150 -5.64 9.48 -24.18
CA GLY A 150 -6.64 10.29 -23.51
C GLY A 150 -7.33 9.59 -22.33
N VAL A 151 -7.17 8.29 -22.17
CA VAL A 151 -7.80 7.54 -21.11
C VAL A 151 -6.85 6.98 -20.06
N PHE A 152 -7.02 7.41 -18.81
CA PHE A 152 -6.17 6.91 -17.73
C PHE A 152 -6.84 5.65 -17.15
N GLY A 153 -6.19 4.51 -17.26
CA GLY A 153 -6.79 3.26 -16.76
C GLY A 153 -5.95 2.58 -15.67
N GLY A 154 -5.04 3.33 -15.07
CA GLY A 154 -4.20 2.84 -13.97
C GLY A 154 -5.04 2.30 -12.82
N SER A 155 -6.07 3.06 -12.44
CA SER A 155 -7.04 2.68 -11.40
C SER A 155 -6.40 2.00 -10.20
N TYR A 156 -5.40 2.60 -9.59
CA TYR A 156 -4.69 1.98 -8.46
C TYR A 156 -5.65 1.62 -7.32
N GLY A 157 -5.55 0.43 -6.69
CA GLY A 157 -6.40 0.17 -5.55
C GLY A 157 -6.33 -1.27 -5.04
N TRP A 158 -6.74 -1.38 -3.77
CA TRP A 158 -6.74 -2.66 -3.09
C TRP A 158 -7.91 -3.55 -3.44
N LYS A 159 -9.03 -3.08 -3.97
CA LYS A 159 -10.16 -3.89 -4.39
C LYS A 159 -10.42 -5.04 -3.41
N SER A 160 -10.80 -6.21 -3.87
CA SER A 160 -11.04 -7.39 -3.03
C SER A 160 -10.29 -8.55 -3.73
N PRO A 161 -9.96 -9.62 -3.03
CA PRO A 161 -9.29 -10.76 -3.65
C PRO A 161 -10.24 -11.49 -4.58
N GLY A 162 -9.71 -12.45 -5.36
CA GLY A 162 -10.63 -13.16 -6.29
C GLY A 162 -9.93 -13.16 -7.66
N ARG A 163 -9.77 -14.32 -8.28
CA ARG A 163 -9.11 -14.51 -9.55
C ARG A 163 -10.04 -14.13 -10.71
N LEU A 164 -11.35 -14.26 -10.50
CA LEU A 164 -12.28 -13.85 -11.58
C LEU A 164 -12.78 -12.43 -11.42
N HIS A 165 -13.27 -12.08 -10.20
CA HIS A 165 -13.82 -10.72 -10.05
C HIS A 165 -12.74 -9.71 -9.64
N ASN A 166 -11.72 -9.57 -10.46
CA ASN A 166 -10.59 -8.66 -10.25
C ASN A 166 -10.92 -7.39 -11.02
N CYS A 167 -11.57 -6.40 -10.40
CA CYS A 167 -12.18 -5.29 -11.07
C CYS A 167 -11.19 -4.45 -11.87
N THR A 168 -9.96 -4.31 -11.37
CA THR A 168 -8.97 -3.52 -12.09
C THR A 168 -8.45 -4.22 -13.32
N THR A 169 -8.27 -5.55 -13.27
CA THR A 169 -7.85 -6.25 -14.47
C THR A 169 -9.01 -6.23 -15.47
N LEU A 170 -10.26 -6.33 -14.97
CA LEU A 170 -11.43 -6.32 -15.87
C LEU A 170 -11.60 -4.97 -16.55
N LEU A 171 -11.28 -3.90 -15.82
CA LEU A 171 -11.29 -2.57 -16.40
C LEU A 171 -10.30 -2.50 -17.57
N ARG A 172 -9.05 -2.95 -17.36
CA ARG A 172 -8.07 -2.93 -18.42
C ARG A 172 -8.42 -3.88 -19.57
N ARG A 173 -9.05 -5.00 -19.28
CA ARG A 173 -9.56 -5.89 -20.35
C ARG A 173 -10.55 -5.12 -21.23
N MET A 174 -11.52 -4.38 -20.67
CA MET A 174 -12.43 -3.60 -21.50
C MET A 174 -11.76 -2.46 -22.25
N LEU A 175 -10.85 -1.72 -21.59
CA LEU A 175 -10.21 -0.57 -22.22
C LEU A 175 -9.31 -1.03 -23.36
N THR A 176 -8.71 -2.21 -23.23
CA THR A 176 -7.91 -2.74 -24.34
C THR A 176 -8.81 -2.86 -25.59
N LEU A 177 -10.01 -3.40 -25.42
CA LEU A 177 -10.96 -3.59 -26.51
C LEU A 177 -11.44 -2.26 -27.09
N ALA A 178 -11.50 -1.23 -26.26
CA ALA A 178 -11.89 0.11 -26.65
C ALA A 178 -10.81 0.87 -27.44
N GLY A 179 -9.57 0.42 -27.37
CA GLY A 179 -8.51 1.10 -28.15
C GLY A 179 -7.26 1.36 -27.35
N GLY A 180 -7.23 1.11 -26.02
CA GLY A 180 -5.99 1.39 -25.29
C GLY A 180 -6.22 2.36 -24.13
N TYR A 181 -5.15 2.50 -23.33
CA TYR A 181 -5.22 3.35 -22.15
C TYR A 181 -3.82 3.62 -21.63
N VAL A 182 -3.74 4.66 -20.79
CA VAL A 182 -2.49 4.93 -20.07
C VAL A 182 -2.55 4.18 -18.72
N ASN A 183 -1.48 3.48 -18.39
CA ASN A 183 -1.42 2.67 -17.17
C ASN A 183 -0.47 3.28 -16.15
N GLY A 184 -0.49 2.75 -14.93
CA GLY A 184 0.44 3.26 -13.90
C GLY A 184 1.48 2.15 -13.60
N ALA A 185 2.64 2.50 -13.10
CA ALA A 185 3.66 1.52 -12.75
C ALA A 185 4.07 1.70 -11.28
N GLY A 186 4.50 0.63 -10.67
CA GLY A 186 4.92 0.60 -9.27
C GLY A 186 3.69 0.70 -8.38
N ASP A 187 3.92 1.14 -7.12
CA ASP A 187 2.80 1.20 -6.18
C ASP A 187 3.09 2.24 -5.10
N TYR A 188 2.12 2.44 -4.19
CA TYR A 188 2.28 3.43 -3.13
C TYR A 188 3.01 2.87 -1.91
N SER A 189 3.26 1.58 -1.83
CA SER A 189 3.84 0.91 -0.68
C SER A 189 5.36 0.90 -0.66
N THR A 190 5.98 0.52 -1.79
CA THR A 190 7.44 0.43 -1.84
C THR A 190 7.93 1.16 -3.09
N GLY A 191 7.29 2.29 -3.40
CA GLY A 191 7.58 3.03 -4.62
C GLY A 191 9.07 3.32 -4.78
N ALA A 192 9.78 3.65 -3.71
CA ALA A 192 11.21 3.93 -3.77
C ALA A 192 12.00 2.63 -3.64
N ALA A 193 11.78 1.82 -2.60
CA ALA A 193 12.54 0.60 -2.41
C ALA A 193 12.49 -0.36 -3.60
N GLN A 194 11.35 -0.50 -4.26
CA GLN A 194 11.31 -1.49 -5.37
C GLN A 194 12.15 -1.04 -6.57
N VAL A 195 12.50 0.25 -6.67
CA VAL A 195 13.33 0.70 -7.79
C VAL A 195 14.81 0.69 -7.45
N ILE A 196 15.18 1.07 -6.22
CA ILE A 196 16.62 1.03 -5.85
C ILE A 196 17.08 -0.38 -5.61
N MET A 197 16.26 -1.31 -5.05
CA MET A 197 16.78 -2.66 -4.80
C MET A 197 17.39 -3.39 -5.99
N PRO A 198 16.81 -3.40 -7.18
CA PRO A 198 17.35 -4.08 -8.33
C PRO A 198 18.76 -3.57 -8.67
N HIS A 199 19.11 -2.32 -8.37
CA HIS A 199 20.42 -1.78 -8.61
C HIS A 199 21.40 -2.19 -7.48
N VAL A 200 20.92 -2.66 -6.34
CA VAL A 200 21.76 -2.97 -5.19
C VAL A 200 21.92 -4.47 -4.97
N VAL A 201 20.83 -5.21 -4.90
CA VAL A 201 20.86 -6.65 -4.73
C VAL A 201 20.39 -7.39 -5.98
N GLY A 202 20.00 -6.70 -7.04
CA GLY A 202 19.65 -7.40 -8.27
C GLY A 202 18.21 -7.77 -8.52
N THR A 203 17.35 -7.87 -7.52
CA THR A 203 15.95 -8.18 -7.67
C THR A 203 15.12 -7.16 -6.87
N LEU A 204 13.79 -7.28 -7.00
CA LEU A 204 12.85 -6.39 -6.31
C LEU A 204 13.03 -6.49 -4.80
N GLU A 205 13.14 -7.68 -4.26
CA GLU A 205 13.43 -7.92 -2.84
C GLU A 205 12.28 -7.70 -1.88
N VAL A 206 11.52 -6.62 -2.00
CA VAL A 206 10.43 -6.33 -1.08
C VAL A 206 9.29 -7.32 -1.21
N TYR A 207 9.03 -7.93 -2.35
CA TYR A 207 7.89 -8.85 -2.44
C TYR A 207 8.41 -10.26 -2.68
N GLU A 208 9.50 -10.65 -2.05
CA GLU A 208 10.08 -11.98 -2.18
C GLU A 208 10.09 -12.72 -0.86
N GLN A 209 10.08 -14.05 -0.91
CA GLN A 209 9.97 -14.86 0.31
C GLN A 209 11.13 -14.63 1.25
N GLN A 210 10.84 -14.54 2.54
CA GLN A 210 11.89 -14.28 3.53
C GLN A 210 12.47 -15.56 4.13
N THR A 211 13.62 -15.49 4.79
CA THR A 211 14.10 -16.65 5.57
C THR A 211 12.95 -17.10 6.47
N ALA A 212 12.63 -18.40 6.50
CA ALA A 212 11.48 -18.89 7.26
C ALA A 212 11.44 -18.61 8.75
N TRP A 213 10.23 -18.38 9.31
CA TRP A 213 10.03 -18.11 10.72
C TRP A 213 10.67 -19.15 11.64
N PRO A 214 10.52 -20.45 11.39
CA PRO A 214 11.16 -21.46 12.23
C PRO A 214 12.67 -21.35 12.21
N VAL A 215 13.30 -20.93 11.11
CA VAL A 215 14.77 -20.77 11.10
C VAL A 215 15.17 -19.65 12.03
N LEU A 216 14.36 -18.57 12.08
CA LEU A 216 14.61 -17.47 12.97
C LEU A 216 14.47 -17.95 14.42
N ALA A 217 13.43 -18.75 14.71
CA ALA A 217 13.25 -19.16 16.11
C ALA A 217 14.44 -19.99 16.60
N GLU A 218 15.08 -20.78 15.74
CA GLU A 218 16.18 -21.60 16.22
C GLU A 218 17.51 -20.88 16.17
N ASN A 219 17.65 -19.80 15.38
CA ASN A 219 18.97 -19.22 15.17
C ASN A 219 19.20 -17.78 15.51
N THR A 220 18.15 -16.95 15.45
CA THR A 220 18.34 -15.53 15.72
C THR A 220 18.48 -15.23 17.20
N GLU A 221 19.40 -14.34 17.55
CA GLU A 221 19.61 -13.98 18.96
C GLU A 221 19.06 -12.58 19.22
N VAL A 222 19.11 -11.73 18.19
CA VAL A 222 18.60 -10.36 18.30
C VAL A 222 17.71 -10.06 17.09
N MET A 223 16.46 -9.71 17.32
CA MET A 223 15.54 -9.44 16.20
C MET A 223 15.24 -7.94 16.20
N VAL A 224 15.42 -7.23 15.10
CA VAL A 224 15.15 -5.80 15.09
C VAL A 224 13.98 -5.49 14.17
N PHE A 225 12.96 -4.83 14.68
CA PHE A 225 11.85 -4.38 13.87
C PHE A 225 12.13 -2.89 13.61
N TRP A 226 12.58 -2.60 12.41
CA TRP A 226 12.98 -1.22 12.10
C TRP A 226 11.93 -0.57 11.24
N ALA A 227 11.15 0.36 11.78
CA ALA A 227 10.08 1.03 11.07
C ALA A 227 9.03 0.01 10.61
N ALA A 228 8.74 -0.94 11.48
CA ALA A 228 7.83 -2.02 11.21
C ALA A 228 7.00 -2.34 12.45
N ASP A 229 5.72 -2.54 12.22
CA ASP A 229 4.80 -2.94 13.29
C ASP A 229 4.03 -4.16 12.78
N PRO A 230 4.66 -5.32 12.82
CA PRO A 230 4.11 -6.56 12.27
C PRO A 230 2.81 -6.96 12.92
N ILE A 231 2.64 -6.67 14.22
CA ILE A 231 1.37 -7.03 14.83
C ILE A 231 0.21 -6.34 14.15
N LYS A 232 0.35 -5.04 13.91
CA LYS A 232 -0.65 -4.25 13.22
C LYS A 232 -0.81 -4.64 11.76
N THR A 233 0.29 -4.68 10.99
CA THR A 233 0.12 -4.83 9.54
C THR A 233 -0.02 -6.24 9.04
N SER A 234 0.09 -7.26 9.90
CA SER A 234 -0.04 -8.62 9.36
C SER A 234 -1.50 -9.06 9.37
N GLN A 235 -2.47 -8.25 9.81
CA GLN A 235 -3.87 -8.72 9.83
C GLN A 235 -4.42 -8.99 8.42
N ILE A 236 -3.88 -8.35 7.37
CA ILE A 236 -4.47 -8.50 6.05
C ILE A 236 -3.52 -9.18 5.07
N GLY A 237 -4.07 -9.55 3.91
CA GLY A 237 -3.22 -10.08 2.83
C GLY A 237 -3.75 -9.52 1.50
N TRP A 238 -2.94 -9.53 0.48
CA TRP A 238 -3.34 -9.16 -0.89
C TRP A 238 -4.26 -10.25 -1.41
N VAL A 239 -3.81 -11.53 -1.33
CA VAL A 239 -4.75 -12.64 -1.58
C VAL A 239 -5.27 -13.02 -0.19
N ILE A 240 -5.94 -14.11 0.12
CA ILE A 240 -6.43 -14.36 1.49
C ILE A 240 -5.25 -14.61 2.45
N PRO A 241 -5.20 -13.99 3.62
CA PRO A 241 -4.09 -14.11 4.53
C PRO A 241 -4.18 -15.39 5.34
N GLU A 242 -3.04 -15.98 5.69
CA GLU A 242 -3.10 -17.16 6.61
C GLU A 242 -2.64 -16.68 7.98
N HIS A 243 -2.28 -15.39 8.12
CA HIS A 243 -1.85 -14.79 9.39
C HIS A 243 -0.65 -15.54 9.97
N GLY A 244 0.26 -15.99 9.10
CA GLY A 244 1.41 -16.79 9.50
C GLY A 244 2.39 -16.03 10.39
N ALA A 245 2.38 -14.70 10.38
CA ALA A 245 3.35 -14.00 11.23
C ALA A 245 3.08 -14.23 12.72
N TYR A 246 1.84 -14.43 13.17
CA TYR A 246 1.53 -14.51 14.60
C TYR A 246 2.16 -15.68 15.35
N PRO A 247 2.09 -16.90 14.86
CA PRO A 247 2.80 -18.03 15.45
C PRO A 247 4.31 -17.77 15.40
N GLY A 248 4.84 -17.17 14.32
CA GLY A 248 6.27 -16.87 14.21
C GLY A 248 6.72 -15.93 15.33
N LEU A 249 5.93 -14.87 15.56
CA LEU A 249 6.19 -13.90 16.61
C LEU A 249 6.10 -14.52 18.00
N GLU A 250 5.10 -15.35 18.27
CA GLU A 250 4.95 -16.07 19.51
C GLU A 250 6.15 -16.99 19.77
N ALA A 251 6.66 -17.71 18.75
CA ALA A 251 7.84 -18.55 18.97
C ALA A 251 9.08 -17.72 19.36
N LEU A 252 9.29 -16.53 18.81
CA LEU A 252 10.43 -15.71 19.23
C LEU A 252 10.33 -15.32 20.71
N LYS A 253 9.14 -14.93 21.15
CA LYS A 253 8.92 -14.55 22.54
C LYS A 253 9.14 -15.74 23.47
N ALA A 254 8.64 -16.91 23.07
CA ALA A 254 8.84 -18.07 23.95
C ALA A 254 10.32 -18.45 24.07
N LYS A 255 11.14 -18.20 23.06
CA LYS A 255 12.54 -18.52 23.08
C LYS A 255 13.32 -17.47 23.88
N GLY A 256 12.76 -16.33 24.26
CA GLY A 256 13.50 -15.30 24.92
C GLY A 256 14.51 -14.54 24.05
N THR A 257 14.32 -14.47 22.76
CA THR A 257 15.20 -13.71 21.85
C THR A 257 15.13 -12.24 22.22
N LYS A 258 16.20 -11.47 22.20
CA LYS A 258 16.15 -10.05 22.48
C LYS A 258 15.55 -9.31 21.29
N VAL A 259 14.52 -8.52 21.50
CA VAL A 259 13.83 -7.78 20.46
C VAL A 259 14.02 -6.27 20.66
N ILE A 260 14.39 -5.60 19.57
CA ILE A 260 14.56 -4.16 19.58
C ILE A 260 13.61 -3.57 18.55
N VAL A 261 12.88 -2.52 18.89
CA VAL A 261 11.96 -1.85 17.98
C VAL A 261 12.45 -0.42 17.76
N ILE A 262 12.61 0.02 16.51
CA ILE A 262 13.01 1.41 16.22
C ILE A 262 11.82 2.05 15.52
N ASP A 263 11.11 2.89 16.27
CA ASP A 263 9.83 3.45 15.79
C ASP A 263 9.44 4.61 16.69
N PRO A 264 9.01 5.74 16.16
CA PRO A 264 8.58 6.87 16.98
C PRO A 264 7.38 6.62 17.87
N VAL A 265 6.61 5.56 17.63
CA VAL A 265 5.43 5.16 18.35
C VAL A 265 5.67 3.87 19.11
N ARG A 266 5.12 3.79 20.33
CA ARG A 266 5.16 2.61 21.16
C ARG A 266 4.00 1.72 20.69
N THR A 267 4.23 0.86 19.72
CA THR A 267 3.17 0.04 19.13
C THR A 267 2.86 -1.25 19.89
N LYS A 268 1.90 -2.05 19.42
CA LYS A 268 1.66 -3.34 20.05
C LYS A 268 2.85 -4.25 19.82
N THR A 269 3.62 -4.08 18.72
CA THR A 269 4.82 -4.92 18.62
C THR A 269 5.75 -4.70 19.83
N VAL A 270 6.03 -3.46 20.20
CA VAL A 270 6.81 -3.13 21.39
C VAL A 270 6.19 -3.78 22.63
N GLU A 271 4.89 -3.56 22.84
CA GLU A 271 4.20 -4.14 23.99
C GLU A 271 4.20 -5.64 24.06
N PHE A 272 4.00 -6.38 22.95
CA PHE A 272 3.95 -7.83 22.99
C PHE A 272 5.25 -8.44 23.47
N PHE A 273 6.38 -7.90 22.99
CA PHE A 273 7.68 -8.39 23.38
C PHE A 273 8.30 -7.71 24.62
N GLY A 274 7.79 -6.61 25.16
CA GLY A 274 8.54 -5.86 26.19
C GLY A 274 9.88 -5.44 25.57
N ALA A 275 9.88 -5.02 24.31
CA ALA A 275 11.07 -4.72 23.57
C ALA A 275 11.78 -3.44 24.01
N GLU A 276 13.08 -3.45 23.79
CA GLU A 276 13.87 -2.23 23.98
C GLU A 276 13.40 -1.33 22.83
N HIS A 277 12.95 -0.12 23.16
CA HIS A 277 12.31 0.77 22.22
C HIS A 277 13.13 2.02 21.94
N ILE A 278 13.56 2.19 20.68
CA ILE A 278 14.34 3.37 20.30
C ILE A 278 13.44 4.31 19.53
N THR A 279 13.37 5.59 19.84
CA THR A 279 12.45 6.51 19.17
C THR A 279 13.20 7.64 18.46
N PRO A 280 13.51 7.45 17.18
CA PRO A 280 14.20 8.47 16.40
C PRO A 280 13.19 9.51 15.96
N LYS A 281 13.63 10.75 15.72
CA LYS A 281 12.76 11.73 15.07
C LYS A 281 12.48 11.16 13.68
N PRO A 282 11.23 11.11 13.26
CA PRO A 282 10.88 10.58 11.94
C PRO A 282 11.69 11.21 10.86
N GLN A 283 12.08 10.45 9.86
CA GLN A 283 12.89 10.73 8.71
C GLN A 283 14.39 10.84 9.03
N THR A 284 14.86 10.40 10.17
CA THR A 284 16.30 10.51 10.47
C THR A 284 16.95 9.14 10.57
N ASP A 285 16.28 8.06 10.20
CA ASP A 285 16.89 6.73 10.31
C ASP A 285 18.20 6.57 9.54
N VAL A 286 18.33 7.11 8.34
CA VAL A 286 19.59 7.03 7.59
C VAL A 286 20.73 7.64 8.42
N ALA A 287 20.49 8.76 9.10
CA ALA A 287 21.61 9.33 9.92
C ALA A 287 22.02 8.37 11.03
N ILE A 288 21.09 7.68 11.72
CA ILE A 288 21.37 6.70 12.74
C ILE A 288 22.18 5.55 12.18
N MET A 289 21.82 5.07 10.98
CA MET A 289 22.53 3.94 10.37
C MET A 289 23.97 4.34 10.02
N LEU A 290 24.18 5.58 9.56
CA LEU A 290 25.50 6.08 9.24
C LEU A 290 26.32 6.18 10.52
N GLY A 291 25.71 6.66 11.61
CA GLY A 291 26.49 6.72 12.87
C GLY A 291 26.85 5.31 13.34
N MET A 292 26.01 4.29 13.10
CA MET A 292 26.36 2.92 13.46
C MET A 292 27.53 2.41 12.60
N ALA A 293 27.46 2.64 11.30
CA ALA A 293 28.49 2.22 10.36
C ALA A 293 29.83 2.90 10.70
N HIS A 294 29.77 4.20 10.99
CA HIS A 294 30.97 4.94 11.39
C HIS A 294 31.59 4.28 12.63
N THR A 295 30.80 3.97 13.66
CA THR A 295 31.30 3.28 14.84
C THR A 295 31.98 1.96 14.51
N LEU A 296 31.38 1.17 13.59
CA LEU A 296 31.94 -0.12 13.23
C LEU A 296 33.30 0.01 12.54
N VAL A 297 33.49 1.10 11.80
CA VAL A 297 34.76 1.36 11.15
C VAL A 297 35.80 1.89 12.14
N ALA A 298 35.37 2.85 12.97
CA ALA A 298 36.28 3.45 13.93
C ALA A 298 36.81 2.48 14.96
N GLU A 299 36.00 1.52 15.44
CA GLU A 299 36.41 0.55 16.42
C GLU A 299 36.95 -0.69 15.71
N ASP A 300 37.06 -0.63 14.38
CA ASP A 300 37.55 -1.74 13.58
C ASP A 300 36.82 -3.04 13.88
N LEU A 301 35.48 -3.01 13.93
CA LEU A 301 34.70 -4.21 14.24
C LEU A 301 34.04 -4.88 13.03
N TYR A 302 33.86 -4.14 11.94
CA TYR A 302 33.07 -4.63 10.82
C TYR A 302 33.67 -5.83 10.12
N ASP A 303 32.86 -6.55 9.35
CA ASP A 303 33.37 -7.75 8.69
C ASP A 303 34.05 -7.44 7.37
N LYS A 304 35.39 -7.27 7.41
CA LYS A 304 36.15 -6.99 6.20
C LYS A 304 36.11 -8.09 5.15
N ASP A 305 36.08 -9.35 5.55
CA ASP A 305 36.01 -10.45 4.61
C ASP A 305 34.67 -10.48 3.88
N PHE A 306 33.55 -10.28 4.60
CA PHE A 306 32.29 -10.22 3.89
C PHE A 306 32.34 -9.07 2.88
N ILE A 307 32.82 -7.90 3.32
CA ILE A 307 32.85 -6.72 2.45
C ILE A 307 33.68 -7.03 1.20
N ALA A 308 34.85 -7.65 1.40
CA ALA A 308 35.77 -7.91 0.30
C ALA A 308 35.27 -8.91 -0.73
N ASN A 309 34.56 -9.95 -0.32
CA ASN A 309 34.18 -11.00 -1.24
C ASN A 309 32.76 -10.93 -1.75
N TYR A 310 31.88 -10.18 -1.09
CA TYR A 310 30.48 -10.18 -1.49
C TYR A 310 29.94 -8.83 -1.88
N THR A 311 30.73 -7.75 -1.83
CA THR A 311 30.20 -6.43 -2.11
C THR A 311 31.12 -5.70 -3.09
N SER A 312 30.57 -4.62 -3.65
CA SER A 312 31.33 -3.76 -4.55
C SER A 312 31.13 -2.30 -4.20
N GLY A 313 32.22 -1.53 -4.18
CA GLY A 313 32.12 -0.10 -3.98
C GLY A 313 32.29 0.45 -2.59
N PHE A 314 32.62 -0.39 -1.62
CA PHE A 314 32.80 0.10 -0.25
C PHE A 314 33.90 1.13 -0.14
N ASP A 315 34.97 1.01 -0.95
CA ASP A 315 36.05 2.00 -0.95
C ASP A 315 35.60 3.35 -1.45
N LYS A 316 34.51 3.45 -2.21
CA LYS A 316 34.04 4.76 -2.65
C LYS A 316 33.06 5.32 -1.62
N PHE A 317 32.57 4.49 -0.71
CA PHE A 317 31.65 4.95 0.34
C PHE A 317 32.39 5.38 1.60
N LEU A 318 33.49 4.72 1.93
CA LEU A 318 34.32 5.02 3.11
C LEU A 318 34.73 6.48 3.30
N PRO A 319 35.27 7.16 2.31
CA PRO A 319 35.63 8.56 2.39
C PRO A 319 34.45 9.45 2.77
N TYR A 320 33.25 9.12 2.26
CA TYR A 320 32.05 9.89 2.59
C TYR A 320 31.73 9.69 4.07
N LEU A 321 31.80 8.42 4.50
CA LEU A 321 31.47 8.07 5.89
C LEU A 321 32.40 8.77 6.88
N ASP A 322 33.70 8.80 6.56
CA ASP A 322 34.70 9.42 7.41
C ASP A 322 34.75 10.94 7.26
N GLY A 323 34.01 11.53 6.33
CA GLY A 323 34.01 12.99 6.22
C GLY A 323 35.15 13.57 5.42
N GLU A 324 35.83 12.74 4.61
CA GLU A 324 36.89 13.27 3.77
C GLU A 324 36.35 14.15 2.65
N THR A 325 35.17 13.83 2.14
CA THR A 325 34.53 14.51 1.05
C THR A 325 33.75 15.75 1.42
N ASP A 326 33.24 15.88 2.64
CA ASP A 326 32.41 17.05 2.97
C ASP A 326 32.76 17.66 4.31
N SER A 327 33.89 17.28 4.89
CA SER A 327 34.33 17.78 6.17
C SER A 327 33.42 17.43 7.33
N THR A 328 32.58 16.40 7.20
CA THR A 328 31.67 16.03 8.25
C THR A 328 31.65 14.53 8.51
N PRO A 329 32.50 14.05 9.39
CA PRO A 329 32.53 12.65 9.78
C PRO A 329 31.14 12.27 10.28
N LYS A 330 30.60 11.14 9.80
CA LYS A 330 29.22 10.76 10.16
C LYS A 330 29.21 9.96 11.45
N THR A 331 29.72 10.56 12.54
CA THR A 331 29.85 9.87 13.81
C THR A 331 28.50 9.69 14.50
N ALA A 332 28.50 8.87 15.56
CA ALA A 332 27.32 8.70 16.41
C ALA A 332 26.88 10.04 16.98
N GLU A 333 27.83 10.91 17.38
CA GLU A 333 27.53 12.23 17.90
C GLU A 333 26.91 13.14 16.85
N TRP A 334 27.40 13.11 15.61
CA TRP A 334 26.75 13.82 14.51
C TRP A 334 25.33 13.27 14.35
N ALA A 335 25.13 11.96 14.40
CA ALA A 335 23.80 11.36 14.21
C ALA A 335 22.81 11.72 15.31
N GLU A 336 23.37 11.86 16.53
CA GLU A 336 22.56 12.27 17.67
C GLU A 336 22.01 13.67 17.46
N GLY A 337 22.80 14.62 16.93
CA GLY A 337 22.28 15.96 16.69
C GLY A 337 21.12 16.01 15.71
N ILE A 338 21.07 15.11 14.72
CA ILE A 338 19.98 15.08 13.77
C ILE A 338 18.79 14.25 14.28
N SER A 339 19.01 13.05 14.81
CA SER A 339 17.95 12.14 15.19
C SER A 339 17.44 12.26 16.60
N GLY A 340 18.23 12.81 17.52
CA GLY A 340 17.81 12.91 18.93
C GLY A 340 18.10 11.65 19.72
N VAL A 341 18.63 10.59 19.10
CA VAL A 341 18.95 9.35 19.79
C VAL A 341 20.36 9.49 20.38
N PRO A 342 20.53 9.20 21.66
CA PRO A 342 21.81 9.38 22.32
C PRO A 342 22.93 8.68 21.61
N ALA A 343 24.05 9.41 21.41
CA ALA A 343 25.23 8.84 20.77
C ALA A 343 25.68 7.51 21.32
N GLU A 344 25.64 7.32 22.64
CA GLU A 344 26.09 6.07 23.24
C GLU A 344 25.12 4.93 22.97
N THR A 345 23.84 5.26 22.80
CA THR A 345 22.88 4.18 22.45
C THR A 345 23.17 3.71 21.03
N ILE A 346 23.41 4.65 20.12
CA ILE A 346 23.79 4.31 18.75
C ILE A 346 25.00 3.38 18.73
N LYS A 347 26.07 3.73 19.49
CA LYS A 347 27.25 2.87 19.56
C LYS A 347 26.97 1.51 20.16
N GLU A 348 26.24 1.44 21.27
CA GLU A 348 25.97 0.11 21.85
C GLU A 348 25.19 -0.82 20.94
N LEU A 349 24.24 -0.23 20.19
CA LEU A 349 23.45 -1.02 19.24
C LEU A 349 24.35 -1.60 18.15
N ALA A 350 25.24 -0.77 17.63
CA ALA A 350 26.18 -1.20 16.59
C ALA A 350 27.02 -2.36 17.10
N ARG A 351 27.58 -2.27 18.32
CA ARG A 351 28.37 -3.40 18.84
C ARG A 351 27.55 -4.67 19.04
N LEU A 352 26.32 -4.49 19.56
CA LEU A 352 25.45 -5.64 19.81
C LEU A 352 25.10 -6.38 18.52
N PHE A 353 24.75 -5.62 17.48
CA PHE A 353 24.41 -6.26 16.20
C PHE A 353 25.58 -7.05 15.64
N GLU A 354 26.81 -6.53 15.84
CA GLU A 354 28.00 -7.17 15.26
C GLU A 354 28.36 -8.46 15.97
N SER A 355 28.00 -8.56 17.25
CA SER A 355 28.41 -9.72 18.03
C SER A 355 27.37 -10.80 18.22
N LYS A 356 26.14 -10.60 17.75
CA LYS A 356 25.09 -11.62 17.94
C LYS A 356 24.44 -11.94 16.58
N ARG A 357 23.79 -13.07 16.41
CA ARG A 357 23.12 -13.34 15.12
C ARG A 357 21.89 -12.43 15.05
N THR A 358 21.94 -11.41 14.20
CA THR A 358 20.91 -10.38 14.15
C THR A 358 20.12 -10.31 12.85
N MET A 359 18.79 -10.26 12.94
CA MET A 359 17.94 -10.12 11.75
C MET A 359 17.39 -8.68 11.73
N LEU A 360 17.67 -7.92 10.70
CA LEU A 360 17.18 -6.57 10.55
C LEU A 360 15.88 -6.63 9.70
N ALA A 361 14.73 -6.65 10.33
CA ALA A 361 13.43 -6.69 9.68
C ALA A 361 12.91 -5.26 9.55
N ALA A 362 12.95 -4.72 8.33
CA ALA A 362 12.52 -3.34 8.12
C ALA A 362 11.18 -3.20 7.40
N GLY A 363 10.40 -2.23 7.84
CA GLY A 363 9.09 -1.93 7.24
C GLY A 363 9.28 -0.84 6.19
N TRP A 364 8.15 -0.34 5.66
CA TRP A 364 8.20 0.53 4.51
C TRP A 364 7.86 1.98 4.71
N SER A 365 7.43 2.39 5.90
CA SER A 365 7.10 3.82 6.12
C SER A 365 8.30 4.72 5.88
N MET A 366 9.50 4.29 6.30
CA MET A 366 10.70 5.10 6.10
C MET A 366 11.14 5.29 4.66
N GLN A 367 10.60 4.56 3.68
CA GLN A 367 10.92 4.83 2.28
C GLN A 367 9.72 5.51 1.62
N ARG A 368 8.60 5.75 2.34
CA ARG A 368 7.43 6.47 1.84
C ARG A 368 7.59 7.96 2.19
N MET A 369 8.77 8.50 1.87
CA MET A 369 9.22 9.80 2.32
C MET A 369 10.26 10.36 1.34
N HIS A 370 10.52 11.67 1.44
CA HIS A 370 11.48 12.30 0.53
C HIS A 370 12.84 11.61 0.63
N HIS A 371 13.44 11.29 -0.52
CA HIS A 371 14.69 10.54 -0.62
C HIS A 371 14.55 9.16 0.02
N GLY A 372 13.37 8.53 -0.15
CA GLY A 372 13.14 7.22 0.41
C GLY A 372 14.06 6.10 -0.04
N GLU A 373 14.64 6.21 -1.23
CA GLU A 373 15.56 5.23 -1.77
C GLU A 373 16.76 5.02 -0.86
N GLN A 374 17.22 6.06 -0.15
CA GLN A 374 18.37 5.91 0.72
C GLN A 374 18.11 5.01 1.94
N ALA A 375 16.89 4.96 2.50
CA ALA A 375 16.66 4.16 3.71
C ALA A 375 16.99 2.68 3.62
N HIS A 376 16.49 1.94 2.64
CA HIS A 376 16.77 0.51 2.52
C HIS A 376 18.10 0.26 1.84
N TRP A 377 18.60 1.20 1.05
CA TRP A 377 19.95 1.03 0.47
C TRP A 377 20.97 1.07 1.63
N MET A 378 20.82 2.05 2.51
CA MET A 378 21.71 2.16 3.68
C MET A 378 21.52 1.01 4.64
N LEU A 379 20.28 0.48 4.76
CA LEU A 379 20.06 -0.67 5.62
C LEU A 379 20.86 -1.87 5.14
N VAL A 380 20.85 -2.11 3.82
CA VAL A 380 21.57 -3.27 3.24
C VAL A 380 23.09 -3.07 3.35
N THR A 381 23.48 -1.79 3.26
CA THR A 381 24.92 -1.46 3.42
C THR A 381 25.35 -1.77 4.84
N LEU A 382 24.51 -1.37 5.81
CA LEU A 382 24.79 -1.71 7.22
C LEU A 382 24.81 -3.23 7.39
N ALA A 383 23.84 -3.95 6.80
CA ALA A 383 23.78 -5.40 6.91
C ALA A 383 25.05 -6.05 6.32
N SER A 384 25.57 -5.47 5.24
CA SER A 384 26.77 -5.99 4.60
C SER A 384 27.94 -5.87 5.56
N MET A 385 28.02 -4.73 6.26
CA MET A 385 29.12 -4.55 7.22
C MET A 385 29.06 -5.56 8.35
N LEU A 386 27.87 -6.00 8.80
CA LEU A 386 27.72 -6.95 9.88
C LEU A 386 28.12 -8.36 9.45
N GLY A 387 28.09 -8.65 8.16
CA GLY A 387 28.53 -9.89 7.60
C GLY A 387 27.68 -11.12 7.77
N GLN A 388 26.39 -10.99 8.08
CA GLN A 388 25.57 -12.17 8.32
C GLN A 388 24.62 -12.50 7.18
N ILE A 389 24.64 -11.75 6.09
CA ILE A 389 23.72 -12.05 4.99
C ILE A 389 23.93 -13.48 4.52
N GLY A 390 22.85 -14.25 4.41
CA GLY A 390 22.96 -15.63 3.98
C GLY A 390 23.17 -16.65 5.07
N LEU A 391 23.28 -16.26 6.32
CA LEU A 391 23.41 -17.21 7.43
C LEU A 391 22.00 -17.41 7.99
N PRO A 392 21.72 -18.59 8.50
CA PRO A 392 20.45 -18.88 9.11
C PRO A 392 20.20 -17.92 10.25
N GLY A 393 19.08 -17.18 10.17
CA GLY A 393 18.74 -16.23 11.21
C GLY A 393 19.38 -14.86 11.15
N GLY A 394 20.29 -14.55 10.24
CA GLY A 394 20.92 -13.23 10.19
C GLY A 394 20.64 -12.53 8.85
N GLY A 395 21.12 -11.31 8.69
CA GLY A 395 20.95 -10.53 7.50
C GLY A 395 19.79 -9.55 7.67
N PHE A 396 18.93 -9.45 6.66
CA PHE A 396 17.83 -8.48 6.70
C PHE A 396 16.61 -9.08 6.02
N GLY A 397 15.45 -8.44 6.17
CA GLY A 397 14.23 -8.94 5.51
C GLY A 397 13.28 -7.75 5.38
N LEU A 398 12.74 -7.58 4.17
CA LEU A 398 11.87 -6.42 3.96
C LEU A 398 10.42 -6.82 3.85
N SER A 399 10.06 -8.08 4.16
CA SER A 399 8.62 -8.38 4.10
C SER A 399 8.07 -9.19 5.28
N TYR A 400 8.70 -9.10 6.44
CA TYR A 400 8.18 -9.81 7.61
C TYR A 400 6.90 -9.19 8.18
N HIS A 401 6.58 -7.94 7.84
CA HIS A 401 5.40 -7.26 8.34
C HIS A 401 4.24 -7.29 7.37
N TYR A 402 4.46 -7.86 6.16
CA TYR A 402 3.47 -7.87 5.10
C TYR A 402 3.03 -9.21 4.56
N SER A 403 1.72 -9.49 4.52
CA SER A 403 1.16 -10.70 3.92
C SER A 403 1.79 -12.03 4.21
N GLY A 404 2.27 -12.24 5.42
CA GLY A 404 2.82 -13.50 5.89
C GLY A 404 4.22 -13.80 5.40
N GLY A 405 5.00 -12.82 4.96
CA GLY A 405 6.37 -13.16 4.49
C GLY A 405 7.14 -13.94 5.56
N GLY A 406 7.78 -15.04 5.17
CA GLY A 406 8.50 -15.88 6.11
C GLY A 406 7.69 -17.11 6.51
N THR A 407 6.39 -17.11 6.23
CA THR A 407 5.59 -18.33 6.49
C THR A 407 6.03 -19.38 5.48
N PRO A 408 6.40 -20.59 5.90
CA PRO A 408 6.89 -21.62 4.99
C PRO A 408 6.01 -21.87 3.77
N SER A 409 6.60 -21.86 2.57
CA SER A 409 5.86 -22.11 1.35
C SER A 409 5.57 -23.61 1.18
N THR A 410 4.45 -23.92 0.61
CA THR A 410 4.07 -25.30 0.31
C THR A 410 4.65 -25.69 -1.05
N SER A 411 4.41 -26.92 -1.51
CA SER A 411 4.84 -27.31 -2.85
C SER A 411 3.67 -27.26 -3.82
N GLY A 412 2.59 -26.55 -3.50
CA GLY A 412 1.42 -26.47 -4.36
C GLY A 412 1.65 -25.68 -5.64
N PRO A 413 0.74 -25.80 -6.59
CA PRO A 413 0.78 -25.05 -7.84
C PRO A 413 0.27 -23.62 -7.67
N ALA A 414 0.59 -22.75 -8.62
CA ALA A 414 0.12 -21.38 -8.60
C ALA A 414 -1.25 -21.33 -9.31
N LEU A 415 -2.14 -20.52 -8.80
CA LEU A 415 -3.47 -20.33 -9.41
C LEU A 415 -3.44 -19.13 -10.34
N ALA A 416 -4.08 -19.19 -11.50
CA ALA A 416 -4.07 -18.04 -12.42
C ALA A 416 -5.51 -17.53 -12.53
N GLY A 417 -5.72 -16.37 -13.08
CA GLY A 417 -6.99 -15.72 -13.19
C GLY A 417 -7.20 -15.02 -14.51
N ILE A 418 -8.28 -14.27 -14.60
CA ILE A 418 -8.61 -13.57 -15.84
C ILE A 418 -7.52 -12.54 -16.10
N THR A 419 -7.26 -12.27 -17.39
CA THR A 419 -6.18 -11.34 -17.75
C THR A 419 -6.76 -10.17 -18.51
N ASP A 420 -5.94 -9.14 -18.75
CA ASP A 420 -6.49 -7.99 -19.50
C ASP A 420 -6.43 -8.26 -20.99
N GLY A 421 -5.84 -9.37 -21.43
CA GLY A 421 -5.75 -9.70 -22.84
C GLY A 421 -4.59 -9.09 -23.61
N GLY A 422 -3.97 -8.00 -23.17
CA GLY A 422 -2.87 -7.32 -23.81
C GLY A 422 -1.69 -8.16 -24.27
N ALA A 423 -1.43 -9.27 -23.58
CA ALA A 423 -0.39 -10.24 -23.87
C ALA A 423 -0.65 -11.04 -25.14
N ALA A 424 -1.85 -10.97 -25.71
CA ALA A 424 -2.18 -11.70 -26.92
C ALA A 424 -2.92 -10.80 -27.91
N THR A 425 -2.40 -9.59 -28.04
CA THR A 425 -3.01 -8.59 -28.89
C THR A 425 -2.18 -8.14 -30.07
N LYS A 426 -1.91 -6.86 -30.02
CA LYS A 426 -1.26 -5.89 -30.83
C LYS A 426 -2.04 -4.60 -30.48
N GLY A 427 -1.68 -4.06 -29.33
CA GLY A 427 -2.34 -2.89 -28.76
C GLY A 427 -2.12 -1.68 -29.65
N PRO A 428 -2.13 -0.50 -29.03
CA PRO A 428 -1.99 0.74 -29.78
C PRO A 428 -0.65 0.88 -30.46
N GLU A 429 -0.61 1.67 -31.53
CA GLU A 429 0.65 2.06 -32.15
C GLU A 429 1.04 3.36 -31.43
N TRP A 430 2.02 3.25 -30.55
CA TRP A 430 2.41 4.35 -29.69
C TRP A 430 3.80 4.90 -30.01
N LEU A 431 4.02 6.15 -29.60
CA LEU A 431 5.32 6.78 -29.83
C LEU A 431 5.41 8.13 -29.11
N ALA A 432 6.60 8.55 -28.65
CA ALA A 432 6.66 9.85 -27.96
C ALA A 432 5.80 10.81 -28.78
N ALA A 433 5.39 11.91 -28.16
CA ALA A 433 4.40 12.80 -28.80
C ALA A 433 3.14 12.07 -28.37
N SER A 434 2.06 12.58 -27.81
CA SER A 434 1.01 11.74 -27.23
C SER A 434 1.46 11.25 -25.84
N GLY A 435 2.74 11.20 -25.57
CA GLY A 435 3.40 10.84 -24.36
C GLY A 435 3.56 9.39 -23.97
N ALA A 436 4.05 9.16 -22.75
CA ALA A 436 4.25 7.82 -22.23
C ALA A 436 2.97 7.02 -22.09
N SER A 437 3.02 5.69 -22.29
CA SER A 437 1.81 4.87 -22.10
C SER A 437 1.74 4.41 -20.65
N VAL A 438 2.78 4.64 -19.87
CA VAL A 438 2.82 4.26 -18.46
C VAL A 438 3.44 5.40 -17.64
N ILE A 439 2.90 5.75 -16.47
CA ILE A 439 3.55 6.72 -15.60
C ILE A 439 3.73 6.10 -14.21
N PRO A 440 4.72 6.52 -13.44
CA PRO A 440 4.82 6.11 -12.03
C PRO A 440 3.52 6.50 -11.37
N VAL A 441 2.88 5.60 -10.62
CA VAL A 441 1.56 5.79 -10.08
C VAL A 441 1.33 7.12 -9.33
N ALA A 442 2.24 7.54 -8.48
CA ALA A 442 2.06 8.75 -7.69
C ALA A 442 2.27 10.06 -8.43
N ARG A 443 2.60 10.03 -9.73
CA ARG A 443 2.72 11.25 -10.54
C ARG A 443 1.44 11.52 -11.31
N VAL A 444 0.31 10.91 -10.91
CA VAL A 444 -0.96 11.16 -11.59
C VAL A 444 -1.40 12.61 -11.57
N VAL A 445 -1.23 13.39 -10.50
CA VAL A 445 -1.62 14.82 -10.52
C VAL A 445 -0.60 15.65 -11.31
N ASP A 446 0.71 15.38 -11.20
CA ASP A 446 1.70 16.05 -12.04
C ASP A 446 1.37 15.89 -13.52
N MET A 447 0.97 14.71 -13.97
CA MET A 447 0.56 14.39 -15.31
C MET A 447 -0.61 15.29 -15.77
N LEU A 448 -1.63 15.37 -14.91
CA LEU A 448 -2.78 16.22 -15.22
C LEU A 448 -2.44 17.70 -15.32
N GLU A 449 -1.50 18.20 -14.53
CA GLU A 449 -1.14 19.61 -14.55
C GLU A 449 -0.16 19.97 -15.64
N ASN A 450 0.67 19.04 -16.09
CA ASN A 450 1.70 19.22 -17.08
C ASN A 450 1.68 18.27 -18.24
N PRO A 451 0.63 18.25 -19.05
CA PRO A 451 0.59 17.37 -20.21
C PRO A 451 1.71 17.67 -21.18
N GLY A 452 2.41 16.67 -21.69
CA GLY A 452 3.51 16.93 -22.62
C GLY A 452 4.83 17.22 -21.93
N ALA A 453 4.89 17.56 -20.65
CA ALA A 453 6.16 17.85 -20.00
C ALA A 453 6.95 16.57 -19.82
N GLU A 454 8.28 16.67 -19.73
CA GLU A 454 9.11 15.50 -19.55
C GLU A 454 9.28 15.15 -18.08
N PHE A 455 9.58 13.90 -17.77
CA PHE A 455 9.86 13.51 -16.39
C PHE A 455 10.94 12.42 -16.45
N ASP A 456 11.74 12.33 -15.39
CA ASP A 456 12.79 11.34 -15.32
C ASP A 456 12.26 10.11 -14.58
N PHE A 457 12.77 8.95 -14.93
CA PHE A 457 12.41 7.74 -14.19
C PHE A 457 13.47 6.68 -14.43
N ASN A 458 14.22 6.33 -13.40
CA ASN A 458 15.18 5.26 -13.47
C ASN A 458 16.15 5.35 -14.64
N GLY A 459 16.66 6.55 -14.92
CA GLY A 459 17.61 6.68 -16.00
C GLY A 459 17.02 6.98 -17.36
N THR A 460 15.71 7.06 -17.53
CA THR A 460 15.12 7.38 -18.83
C THR A 460 14.29 8.64 -18.71
N ARG A 461 13.96 9.30 -19.81
CA ARG A 461 13.11 10.49 -19.79
C ARG A 461 11.84 10.14 -20.58
N SER A 462 10.67 10.59 -20.14
CA SER A 462 9.45 10.28 -20.90
C SER A 462 8.58 11.55 -20.86
N LYS A 463 7.50 11.52 -21.61
CA LYS A 463 6.60 12.67 -21.59
C LYS A 463 5.26 12.25 -20.99
N PHE A 464 4.64 13.17 -20.27
CA PHE A 464 3.31 12.89 -19.73
C PHE A 464 2.30 12.91 -20.88
N PRO A 465 1.35 12.00 -20.89
CA PRO A 465 0.30 11.99 -21.92
C PRO A 465 -0.77 13.00 -21.54
N ASP A 466 -1.62 13.42 -22.47
CA ASP A 466 -2.65 14.43 -22.23
C ASP A 466 -3.98 13.74 -22.00
N VAL A 467 -4.23 13.44 -20.73
CA VAL A 467 -5.42 12.64 -20.36
C VAL A 467 -6.68 13.43 -20.22
N LYS A 468 -7.80 12.91 -20.75
CA LYS A 468 -9.06 13.68 -20.63
C LYS A 468 -10.15 12.93 -19.84
N MET A 469 -9.93 11.64 -19.58
CA MET A 469 -10.91 10.86 -18.82
C MET A 469 -10.16 9.89 -17.89
N ALA A 470 -10.74 9.61 -16.74
CA ALA A 470 -10.16 8.61 -15.84
C ALA A 470 -11.31 7.67 -15.45
N TYR A 471 -10.98 6.38 -15.37
CA TYR A 471 -11.99 5.39 -14.99
C TYR A 471 -11.45 4.66 -13.76
N TRP A 472 -12.08 4.82 -12.60
CA TRP A 472 -11.50 4.19 -11.39
C TRP A 472 -12.43 3.15 -10.78
N VAL A 473 -11.91 1.95 -10.50
CA VAL A 473 -12.67 0.92 -9.81
C VAL A 473 -11.77 0.30 -8.74
N GLY A 474 -12.33 -0.14 -7.61
CA GLY A 474 -11.49 -0.79 -6.61
C GLY A 474 -10.40 0.07 -6.00
N GLY A 475 -10.54 1.39 -5.98
CA GLY A 475 -9.46 2.23 -5.41
C GLY A 475 -10.06 3.53 -4.88
N ASN A 476 -9.33 4.26 -4.01
CA ASN A 476 -9.95 5.48 -3.44
C ASN A 476 -8.94 6.61 -3.44
N PRO A 477 -8.59 7.13 -4.62
CA PRO A 477 -7.56 8.16 -4.77
C PRO A 477 -7.90 9.45 -4.05
N PHE A 478 -9.20 9.75 -3.80
CA PHE A 478 -9.58 10.94 -3.04
C PHE A 478 -9.38 10.70 -1.55
N VAL A 479 -8.76 9.58 -1.18
CA VAL A 479 -8.26 9.30 0.15
C VAL A 479 -6.77 8.94 0.06
N HIS A 480 -6.34 8.08 -0.88
CA HIS A 480 -4.97 7.57 -0.89
C HIS A 480 -3.91 8.49 -1.46
N HIS A 481 -4.28 9.48 -2.27
CA HIS A 481 -3.27 10.32 -2.93
C HIS A 481 -2.95 11.55 -2.09
N GLN A 482 -1.76 12.10 -2.25
CA GLN A 482 -1.26 13.22 -1.44
C GLN A 482 -1.71 14.58 -1.93
N ASP A 483 -1.69 15.55 -1.00
CA ASP A 483 -2.05 16.93 -1.25
C ASP A 483 -3.43 17.03 -1.89
N ARG A 484 -4.46 16.75 -1.08
CA ARG A 484 -5.82 16.77 -1.56
C ARG A 484 -6.24 18.10 -2.19
N ASN A 485 -5.84 19.25 -1.65
CA ASN A 485 -6.30 20.52 -2.24
C ASN A 485 -5.76 20.72 -3.64
N ARG A 486 -4.51 20.32 -3.90
CA ARG A 486 -3.94 20.39 -5.22
C ARG A 486 -4.68 19.45 -6.20
N MET A 487 -4.96 18.25 -5.71
CA MET A 487 -5.60 17.21 -6.51
C MET A 487 -7.02 17.61 -6.90
N VAL A 488 -7.72 18.22 -5.94
CA VAL A 488 -9.10 18.66 -6.21
C VAL A 488 -9.14 19.62 -7.38
N LYS A 489 -8.23 20.59 -7.43
CA LYS A 489 -8.15 21.54 -8.54
C LYS A 489 -7.66 20.91 -9.82
N ALA A 490 -6.64 20.02 -9.73
CA ALA A 490 -6.13 19.36 -10.92
C ALA A 490 -7.18 18.49 -11.60
N TRP A 491 -8.08 17.88 -10.82
CA TRP A 491 -9.12 17.03 -11.39
C TRP A 491 -10.08 17.76 -12.31
N GLU A 492 -10.12 19.10 -12.32
CA GLU A 492 -10.96 19.88 -13.24
C GLU A 492 -10.52 19.76 -14.69
N LYS A 493 -9.31 19.29 -14.93
CA LYS A 493 -8.76 19.03 -16.26
C LYS A 493 -9.40 17.84 -16.94
N LEU A 494 -10.06 16.96 -16.14
CA LEU A 494 -10.69 15.80 -16.74
C LEU A 494 -12.10 16.14 -17.22
N GLU A 495 -12.42 15.70 -18.42
CA GLU A 495 -13.79 15.91 -18.92
C GLU A 495 -14.78 15.00 -18.21
N THR A 496 -14.38 13.73 -18.05
CA THR A 496 -15.25 12.67 -17.55
C THR A 496 -14.52 11.77 -16.55
N PHE A 497 -15.21 11.46 -15.46
CA PHE A 497 -14.66 10.67 -14.37
C PHE A 497 -15.72 9.64 -13.95
N VAL A 498 -15.39 8.38 -14.21
CA VAL A 498 -16.32 7.29 -13.93
C VAL A 498 -15.76 6.42 -12.78
N VAL A 499 -16.62 6.05 -11.84
CA VAL A 499 -16.21 5.26 -10.70
C VAL A 499 -17.16 4.09 -10.40
N HIS A 500 -16.63 2.93 -10.01
CA HIS A 500 -17.43 1.84 -9.52
C HIS A 500 -16.97 1.55 -8.05
N ASP A 501 -17.88 1.37 -7.12
CA ASP A 501 -17.54 1.01 -5.75
C ASP A 501 -18.84 0.51 -5.11
N PHE A 502 -18.75 -0.09 -3.91
CA PHE A 502 -20.02 -0.45 -3.25
C PHE A 502 -20.23 0.43 -2.02
N GLN A 503 -19.32 1.38 -1.75
CA GLN A 503 -19.48 2.32 -0.62
C GLN A 503 -19.38 3.74 -1.16
N TRP A 504 -20.08 4.70 -0.57
CA TRP A 504 -20.00 6.10 -0.97
C TRP A 504 -18.74 6.75 -0.40
N THR A 505 -17.58 6.41 -0.97
CA THR A 505 -16.31 7.00 -0.54
C THR A 505 -16.21 8.40 -1.11
N PRO A 506 -15.23 9.17 -0.69
CA PRO A 506 -14.98 10.48 -1.29
C PRO A 506 -14.71 10.34 -2.79
N THR A 507 -14.08 9.25 -3.28
CA THR A 507 -13.87 9.12 -4.71
C THR A 507 -15.20 9.00 -5.46
N ALA A 508 -16.11 8.12 -5.03
CA ALA A 508 -17.43 7.97 -5.67
C ALA A 508 -18.20 9.27 -5.58
N ARG A 509 -18.12 10.01 -4.45
CA ARG A 509 -18.77 11.31 -4.36
C ARG A 509 -18.28 12.33 -5.38
N HIS A 510 -17.04 12.20 -5.84
CA HIS A 510 -16.49 13.11 -6.83
C HIS A 510 -16.68 12.67 -8.27
N ALA A 511 -17.38 11.58 -8.56
CA ALA A 511 -17.47 11.09 -9.94
C ALA A 511 -18.53 11.82 -10.75
N ASP A 512 -18.43 11.74 -12.07
CA ASP A 512 -19.50 12.25 -12.93
C ASP A 512 -20.55 11.14 -13.06
N ILE A 513 -20.09 9.88 -13.09
CA ILE A 513 -20.92 8.70 -13.23
C ILE A 513 -20.51 7.68 -12.17
N VAL A 514 -21.47 7.27 -11.33
CA VAL A 514 -21.17 6.34 -10.24
C VAL A 514 -21.98 5.06 -10.46
N LEU A 515 -21.33 3.91 -10.52
CA LEU A 515 -22.06 2.65 -10.71
C LEU A 515 -21.87 1.75 -9.51
N PRO A 516 -22.95 1.21 -8.99
CA PRO A 516 -22.88 0.38 -7.79
C PRO A 516 -22.43 -1.04 -8.07
N ALA A 517 -21.26 -1.35 -7.51
CA ALA A 517 -20.72 -2.71 -7.66
C ALA A 517 -21.20 -3.61 -6.52
N THR A 518 -21.08 -4.92 -6.65
CA THR A 518 -21.37 -5.83 -5.54
C THR A 518 -20.09 -6.07 -4.75
N THR A 519 -20.27 -6.64 -3.55
CA THR A 519 -19.13 -7.07 -2.75
C THR A 519 -18.77 -8.50 -3.22
N SER A 520 -17.70 -9.08 -2.69
CA SER A 520 -17.36 -10.44 -2.97
C SER A 520 -18.44 -11.39 -2.41
N TYR A 521 -19.21 -10.98 -1.40
CA TYR A 521 -20.15 -11.83 -0.69
C TYR A 521 -21.44 -12.04 -1.45
N GLU A 522 -21.58 -11.38 -2.58
CA GLU A 522 -22.75 -11.46 -3.46
C GLU A 522 -22.44 -12.16 -4.77
N ARG A 523 -21.36 -12.95 -4.81
CA ARG A 523 -20.95 -13.60 -6.05
C ARG A 523 -20.06 -14.78 -5.72
N ASN A 524 -19.60 -15.50 -6.75
CA ASN A 524 -18.72 -16.65 -6.51
C ASN A 524 -17.33 -16.34 -7.05
N ASP A 525 -16.30 -16.96 -6.50
CA ASP A 525 -14.94 -16.72 -6.98
C ASP A 525 -14.02 -17.79 -6.39
N ILE A 526 -12.74 -17.68 -6.70
CA ILE A 526 -11.72 -18.63 -6.24
C ILE A 526 -10.43 -17.85 -5.97
N GLU A 527 -9.70 -18.18 -4.89
CA GLU A 527 -8.47 -17.43 -4.65
C GLU A 527 -7.48 -18.25 -3.82
N THR A 528 -6.21 -17.91 -3.93
CA THR A 528 -5.15 -18.50 -3.14
C THR A 528 -5.17 -18.00 -1.71
N ILE A 529 -4.80 -18.87 -0.78
CA ILE A 529 -4.64 -18.51 0.63
C ILE A 529 -3.12 -18.40 0.85
N GLY A 530 -2.63 -17.20 1.07
CA GLY A 530 -1.23 -16.97 1.39
C GLY A 530 -0.38 -16.47 0.25
N ASP A 531 -0.06 -15.20 0.19
CA ASP A 531 0.76 -14.58 -0.85
C ASP A 531 2.13 -15.25 -1.00
N TYR A 532 2.74 -15.62 0.11
CA TYR A 532 4.04 -16.32 0.07
C TYR A 532 3.91 -17.79 0.41
N SER A 533 3.02 -18.13 1.35
CA SER A 533 2.93 -19.53 1.76
C SER A 533 2.26 -20.44 0.77
N ASN A 534 1.27 -19.94 0.03
CA ASN A 534 0.51 -20.82 -0.87
C ASN A 534 -0.03 -21.99 -0.04
N THR A 535 -0.68 -21.68 1.08
CA THR A 535 -1.26 -22.68 1.98
C THR A 535 -2.34 -23.50 1.28
N GLY A 536 -3.16 -22.83 0.44
CA GLY A 536 -4.19 -23.64 -0.25
C GLY A 536 -4.97 -22.76 -1.21
N ILE A 537 -6.07 -23.31 -1.66
CA ILE A 537 -6.98 -22.62 -2.57
C ILE A 537 -8.38 -22.65 -1.95
N LEU A 538 -9.06 -21.53 -1.92
CA LEU A 538 -10.36 -21.37 -1.30
C LEU A 538 -11.46 -21.12 -2.33
N ALA A 539 -12.62 -21.72 -2.12
CA ALA A 539 -13.82 -21.35 -2.88
C ALA A 539 -14.48 -20.18 -2.16
N MET A 540 -14.59 -19.02 -2.80
CA MET A 540 -15.20 -17.83 -2.25
C MET A 540 -16.68 -17.85 -2.69
N LYS A 541 -17.45 -18.56 -1.87
CA LYS A 541 -18.82 -18.85 -2.22
C LYS A 541 -19.78 -17.68 -2.00
N LYS A 542 -20.77 -17.59 -2.88
CA LYS A 542 -21.80 -16.55 -2.71
C LYS A 542 -22.54 -16.71 -1.39
N ILE A 543 -22.73 -15.65 -0.64
CA ILE A 543 -23.41 -15.71 0.65
C ILE A 543 -24.83 -15.16 0.55
N VAL A 544 -25.03 -14.02 -0.11
CA VAL A 544 -26.37 -13.42 -0.24
C VAL A 544 -26.57 -12.90 -1.66
N GLU A 545 -27.81 -12.59 -2.02
CA GLU A 545 -28.11 -12.08 -3.36
C GLU A 545 -27.61 -10.63 -3.47
N PRO A 546 -27.23 -10.17 -4.65
CA PRO A 546 -26.84 -8.78 -4.85
C PRO A 546 -27.83 -7.84 -4.19
N LEU A 547 -27.36 -6.80 -3.51
CA LEU A 547 -28.25 -5.83 -2.88
C LEU A 547 -28.68 -4.71 -3.85
N TYR A 548 -29.92 -4.25 -3.65
CA TYR A 548 -30.48 -3.12 -4.42
C TYR A 548 -30.26 -3.29 -5.90
N GLU A 549 -29.66 -2.33 -6.63
CA GLU A 549 -29.40 -2.55 -8.06
C GLU A 549 -27.92 -2.78 -8.35
N ALA A 550 -27.19 -3.25 -7.35
CA ALA A 550 -25.75 -3.50 -7.49
C ALA A 550 -25.47 -4.59 -8.50
N ARG A 551 -24.39 -4.50 -9.27
CA ARG A 551 -24.01 -5.55 -10.23
C ARG A 551 -22.50 -5.80 -10.11
N SER A 552 -22.03 -6.99 -10.45
CA SER A 552 -20.57 -7.17 -10.33
C SER A 552 -19.86 -6.33 -11.38
N ASP A 553 -18.61 -5.95 -11.12
CA ASP A 553 -17.82 -5.24 -12.13
C ASP A 553 -17.73 -6.04 -13.43
N TYR A 554 -17.66 -7.38 -13.37
CA TYR A 554 -17.60 -8.19 -14.58
C TYR A 554 -18.82 -7.91 -15.45
N ASP A 555 -20.01 -7.91 -14.88
CA ASP A 555 -21.24 -7.70 -15.64
C ASP A 555 -21.35 -6.31 -16.23
N ILE A 556 -20.89 -5.32 -15.46
CA ILE A 556 -20.92 -3.94 -15.95
C ILE A 556 -19.99 -3.84 -17.15
N PHE A 557 -18.75 -4.28 -17.04
CA PHE A 557 -17.81 -4.20 -18.14
C PHE A 557 -18.23 -5.03 -19.37
N ALA A 558 -18.85 -6.17 -19.17
CA ALA A 558 -19.32 -7.00 -20.27
C ALA A 558 -20.38 -6.24 -21.06
N ALA A 559 -21.26 -5.50 -20.39
CA ALA A 559 -22.30 -4.71 -20.98
C ALA A 559 -21.72 -3.48 -21.69
N VAL A 560 -20.65 -2.89 -21.17
CA VAL A 560 -19.99 -1.80 -21.90
C VAL A 560 -19.27 -2.38 -23.09
N ALA A 561 -18.49 -3.47 -22.98
CA ALA A 561 -17.85 -4.09 -24.15
C ALA A 561 -18.87 -4.42 -25.26
N GLU A 562 -20.04 -4.91 -24.89
CA GLU A 562 -21.09 -5.25 -25.84
C GLU A 562 -21.53 -4.03 -26.64
N ARG A 563 -21.66 -2.85 -26.02
CA ARG A 563 -22.03 -1.63 -26.77
C ARG A 563 -20.89 -1.15 -27.67
N LEU A 564 -19.64 -1.53 -27.43
CA LEU A 564 -18.52 -1.21 -28.28
C LEU A 564 -18.38 -2.21 -29.45
N GLY A 565 -19.24 -3.20 -29.53
CA GLY A 565 -19.25 -4.24 -30.55
C GLY A 565 -18.32 -5.38 -30.21
N LYS A 566 -17.87 -5.49 -28.96
CA LYS A 566 -16.85 -6.49 -28.62
C LYS A 566 -17.22 -7.41 -27.46
N GLY A 567 -18.48 -7.78 -27.34
CA GLY A 567 -18.98 -8.56 -26.22
C GLY A 567 -18.39 -9.94 -26.06
N LYS A 568 -18.33 -10.73 -27.12
CA LYS A 568 -17.77 -12.08 -27.07
C LYS A 568 -16.29 -12.06 -26.77
N GLU A 569 -15.56 -11.06 -27.26
CA GLU A 569 -14.13 -10.96 -26.99
C GLU A 569 -13.94 -10.70 -25.49
N PHE A 570 -14.86 -9.99 -24.82
CA PHE A 570 -14.65 -9.73 -23.41
C PHE A 570 -14.97 -10.97 -22.59
N THR A 571 -16.12 -11.58 -22.87
CA THR A 571 -16.53 -12.71 -22.04
C THR A 571 -15.87 -14.04 -22.39
N GLU A 572 -15.41 -14.22 -23.62
CA GLU A 572 -14.88 -15.48 -24.13
C GLU A 572 -15.93 -16.58 -24.21
N GLY A 573 -17.21 -16.23 -24.25
CA GLY A 573 -18.29 -17.19 -24.22
C GLY A 573 -18.43 -17.94 -22.90
N LYS A 574 -17.80 -17.52 -21.80
CA LYS A 574 -17.87 -18.18 -20.51
C LYS A 574 -18.68 -17.41 -19.48
N ASP A 575 -19.32 -18.15 -18.57
CA ASP A 575 -20.06 -17.44 -17.52
C ASP A 575 -19.23 -17.56 -16.24
N GLU A 576 -19.75 -17.07 -15.13
CA GLU A 576 -19.04 -17.06 -13.86
C GLU A 576 -18.42 -18.38 -13.48
N MET A 577 -19.20 -19.47 -13.45
CA MET A 577 -18.68 -20.77 -13.04
C MET A 577 -17.75 -21.36 -14.09
N GLY A 578 -17.96 -21.06 -15.37
CA GLY A 578 -17.08 -21.55 -16.41
C GLY A 578 -15.70 -20.96 -16.26
N TRP A 579 -15.61 -19.65 -15.96
CA TRP A 579 -14.29 -19.06 -15.72
C TRP A 579 -13.59 -19.68 -14.52
N ILE A 580 -14.30 -19.78 -13.39
CA ILE A 580 -13.77 -20.34 -12.16
C ILE A 580 -13.28 -21.78 -12.34
N LYS A 581 -14.09 -22.61 -13.02
CA LYS A 581 -13.67 -23.98 -13.30
C LYS A 581 -12.43 -24.02 -14.15
N SER A 582 -12.31 -23.18 -15.18
CA SER A 582 -11.08 -23.21 -15.98
C SER A 582 -9.86 -22.78 -15.18
N PHE A 583 -9.93 -21.89 -14.19
CA PHE A 583 -8.74 -21.56 -13.39
C PHE A 583 -8.35 -22.75 -12.51
N TYR A 584 -9.34 -23.37 -11.88
CA TYR A 584 -9.12 -24.53 -11.04
C TYR A 584 -8.50 -25.67 -11.83
N ASP A 585 -9.09 -26.05 -12.97
CA ASP A 585 -8.61 -27.12 -13.82
C ASP A 585 -7.16 -26.90 -14.23
N ASP A 586 -6.76 -25.68 -14.59
CA ASP A 586 -5.39 -25.38 -14.91
C ASP A 586 -4.43 -25.60 -13.74
N ALA A 587 -4.84 -25.20 -12.52
CA ALA A 587 -4.00 -25.44 -11.36
C ALA A 587 -3.90 -26.95 -11.11
N ALA A 588 -5.00 -27.68 -11.25
CA ALA A 588 -5.01 -29.12 -11.00
C ALA A 588 -4.08 -29.85 -11.97
N LYS A 589 -4.10 -29.43 -13.24
CA LYS A 589 -3.16 -30.05 -14.19
C LYS A 589 -1.73 -29.79 -13.78
N GLN A 590 -1.34 -28.60 -13.36
CA GLN A 590 0.01 -28.26 -12.90
C GLN A 590 0.34 -29.05 -11.62
N GLY A 591 -0.65 -29.16 -10.74
CA GLY A 591 -0.50 -29.91 -9.51
C GLY A 591 -0.12 -31.35 -9.87
N LYS A 592 -0.88 -31.98 -10.75
CA LYS A 592 -0.62 -33.35 -11.17
C LYS A 592 0.84 -33.55 -11.56
N ALA A 593 1.26 -32.78 -12.56
CA ALA A 593 2.64 -32.84 -13.02
C ALA A 593 3.62 -32.90 -11.86
N ALA A 594 3.55 -31.98 -10.93
CA ALA A 594 4.41 -31.86 -9.77
C ALA A 594 4.19 -32.90 -8.69
N GLY A 595 3.21 -33.78 -8.78
CA GLY A 595 2.95 -34.78 -7.77
C GLY A 595 2.08 -34.37 -6.61
N VAL A 596 1.32 -33.28 -6.73
CA VAL A 596 0.40 -32.82 -5.70
C VAL A 596 -1.00 -33.24 -6.18
N GLU A 597 -1.67 -34.09 -5.42
CA GLU A 597 -3.00 -34.55 -5.85
C GLU A 597 -4.09 -33.58 -5.44
N MET A 598 -4.99 -33.27 -6.38
CA MET A 598 -6.10 -32.34 -6.12
C MET A 598 -7.38 -32.97 -6.65
N PRO A 599 -8.49 -32.77 -5.97
CA PRO A 599 -9.77 -33.34 -6.36
C PRO A 599 -10.30 -32.73 -7.63
N ALA A 600 -11.31 -33.34 -8.23
CA ALA A 600 -11.94 -32.75 -9.41
C ALA A 600 -12.64 -31.45 -8.92
N PHE A 601 -13.02 -30.60 -9.84
CA PHE A 601 -13.69 -29.34 -9.52
C PHE A 601 -14.87 -29.42 -8.59
N ASP A 602 -15.93 -30.21 -8.90
CA ASP A 602 -17.10 -30.26 -8.04
C ASP A 602 -16.80 -30.83 -6.65
N ALA A 603 -15.83 -31.71 -6.53
CA ALA A 603 -15.47 -32.24 -5.20
C ALA A 603 -14.75 -31.15 -4.39
N PHE A 604 -13.90 -30.38 -5.07
CA PHE A 604 -13.23 -29.25 -4.43
C PHE A 604 -14.24 -28.23 -3.97
N TRP A 605 -15.19 -27.87 -4.83
CA TRP A 605 -16.24 -26.91 -4.47
C TRP A 605 -17.09 -27.40 -3.30
N ALA A 606 -17.44 -28.67 -3.21
CA ALA A 606 -18.21 -29.19 -2.07
C ALA A 606 -17.47 -29.04 -0.77
N GLU A 607 -16.16 -29.26 -0.76
CA GLU A 607 -15.32 -29.13 0.41
C GLU A 607 -15.07 -27.66 0.73
N GLY A 608 -14.94 -26.83 -0.30
CA GLY A 608 -14.70 -25.41 -0.18
C GLY A 608 -13.24 -24.99 -0.14
N ILE A 609 -12.32 -25.90 0.11
CA ILE A 609 -10.91 -25.57 0.22
C ILE A 609 -10.02 -26.77 -0.08
N VAL A 610 -8.81 -26.58 -0.59
CA VAL A 610 -7.83 -27.62 -0.79
C VAL A 610 -6.55 -27.08 -0.10
N GLU A 611 -5.87 -27.87 0.67
CA GLU A 611 -4.61 -27.40 1.29
C GLU A 611 -3.43 -28.17 0.73
N PHE A 612 -2.25 -27.55 0.65
CA PHE A 612 -1.08 -28.20 0.08
C PHE A 612 -0.01 -28.50 1.12
N PRO A 613 0.79 -29.53 0.87
CA PRO A 613 1.82 -29.95 1.81
C PRO A 613 3.09 -29.11 1.76
N VAL A 614 3.72 -28.97 2.93
CA VAL A 614 5.01 -28.28 3.06
C VAL A 614 6.11 -29.33 2.96
N THR A 615 7.01 -29.24 1.98
CA THR A 615 8.10 -30.21 1.88
C THR A 615 9.37 -29.62 2.51
N ASP A 616 10.13 -28.82 1.79
CA ASP A 616 11.34 -28.21 2.34
C ASP A 616 11.21 -26.71 2.63
N GLY A 617 10.02 -26.15 2.44
CA GLY A 617 9.77 -24.73 2.64
C GLY A 617 10.13 -24.17 3.99
N ALA A 618 10.10 -24.98 5.05
CA ALA A 618 10.43 -24.53 6.39
C ALA A 618 11.91 -24.30 6.64
N ASP A 619 12.77 -24.71 5.73
CA ASP A 619 14.21 -24.55 5.92
C ASP A 619 14.81 -23.42 5.07
N PHE A 620 13.98 -22.67 4.39
CA PHE A 620 14.46 -21.66 3.46
C PHE A 620 15.24 -20.56 4.13
N VAL A 621 16.46 -20.33 3.65
CA VAL A 621 17.31 -19.25 4.17
C VAL A 621 17.63 -18.32 3.00
N ARG A 622 17.14 -17.08 3.02
CA ARG A 622 17.38 -16.15 1.94
C ARG A 622 18.87 -15.82 1.79
N TYR A 623 19.36 -15.78 0.55
CA TYR A 623 20.76 -15.47 0.21
C TYR A 623 21.73 -16.59 0.59
N ALA A 624 21.32 -17.76 1.07
CA ALA A 624 22.27 -18.80 1.45
C ALA A 624 23.11 -19.33 0.27
N SER A 625 22.49 -19.45 -0.90
CA SER A 625 23.28 -19.97 -2.04
C SER A 625 24.26 -18.92 -2.51
N PHE A 626 23.97 -17.61 -2.43
CA PHE A 626 24.91 -16.56 -2.72
C PHE A 626 26.09 -16.60 -1.75
N ARG A 627 25.82 -16.76 -0.45
CA ARG A 627 26.87 -16.81 0.55
C ARG A 627 27.78 -18.03 0.37
N GLU A 628 27.18 -19.16 0.05
CA GLU A 628 27.89 -20.41 -0.13
C GLU A 628 28.84 -20.40 -1.32
N ASP A 629 28.46 -19.80 -2.45
CA ASP A 629 29.32 -19.78 -3.63
C ASP A 629 28.85 -18.67 -4.57
N PRO A 630 29.42 -17.49 -4.38
CA PRO A 630 29.05 -16.28 -5.08
C PRO A 630 29.43 -16.29 -6.55
N LEU A 631 30.37 -17.13 -6.95
CA LEU A 631 30.75 -17.21 -8.38
C LEU A 631 29.77 -18.09 -9.12
N LEU A 632 29.36 -19.20 -8.53
CA LEU A 632 28.34 -20.05 -9.13
C LEU A 632 26.96 -19.42 -9.00
N ASN A 633 26.68 -18.72 -7.89
CA ASN A 633 25.37 -18.13 -7.65
C ASN A 633 25.38 -16.61 -7.44
N PRO A 634 25.72 -15.82 -8.44
CA PRO A 634 25.81 -14.38 -8.31
C PRO A 634 24.49 -13.65 -8.32
N LEU A 635 24.51 -12.43 -7.78
CA LEU A 635 23.31 -11.61 -7.74
C LEU A 635 23.11 -11.03 -9.14
N GLY A 636 21.90 -10.59 -9.44
CA GLY A 636 21.60 -10.04 -10.76
C GLY A 636 21.95 -8.57 -10.87
N THR A 637 23.11 -8.12 -10.40
CA THR A 637 23.57 -6.76 -10.54
C THR A 637 24.69 -6.77 -11.58
N PRO A 638 25.15 -5.65 -12.04
CA PRO A 638 26.21 -5.56 -13.06
C PRO A 638 27.48 -6.28 -12.65
N THR A 639 27.90 -6.17 -11.39
CA THR A 639 29.08 -6.86 -10.88
C THR A 639 28.75 -8.27 -10.38
N GLY A 640 27.49 -8.55 -10.06
CA GLY A 640 27.14 -9.85 -9.48
C GLY A 640 27.30 -9.89 -7.95
N LEU A 641 27.60 -8.77 -7.34
CA LEU A 641 27.79 -8.57 -5.92
C LEU A 641 26.86 -7.46 -5.41
N ILE A 642 26.85 -7.30 -4.07
CA ILE A 642 25.98 -6.26 -3.48
C ILE A 642 26.61 -4.91 -3.79
N GLU A 643 25.87 -4.03 -4.47
CA GLU A 643 26.47 -2.76 -4.87
C GLU A 643 26.21 -1.62 -3.91
N ILE A 644 27.27 -1.33 -3.14
CA ILE A 644 27.24 -0.23 -2.18
C ILE A 644 27.43 1.10 -2.91
N TYR A 645 28.23 1.08 -3.97
CA TYR A 645 28.43 2.20 -4.87
C TYR A 645 27.92 1.71 -6.22
N SER A 646 27.07 2.44 -6.91
CA SER A 646 26.54 1.93 -8.19
C SER A 646 27.05 2.80 -9.32
N LYS A 647 27.81 2.25 -10.26
CA LYS A 647 28.29 3.07 -11.39
C LYS A 647 27.15 3.46 -12.31
N ASN A 648 26.19 2.56 -12.44
CA ASN A 648 24.98 2.79 -13.21
C ASN A 648 24.21 4.00 -12.72
N ILE A 649 24.01 4.11 -11.39
CA ILE A 649 23.28 5.30 -10.88
C ILE A 649 24.13 6.56 -10.98
N GLU A 650 25.45 6.42 -10.84
CA GLU A 650 26.36 7.55 -11.03
C GLU A 650 26.18 8.18 -12.41
N LYS A 651 26.08 7.36 -13.44
CA LYS A 651 25.85 7.81 -14.80
C LYS A 651 24.56 8.56 -15.01
N MET A 652 23.50 8.27 -14.25
CA MET A 652 22.26 9.01 -14.42
C MET A 652 22.42 10.46 -14.01
N GLY A 653 23.31 10.84 -13.10
CA GLY A 653 23.55 12.20 -12.70
C GLY A 653 22.42 12.90 -11.99
N TYR A 654 21.69 12.15 -11.16
CA TYR A 654 20.57 12.76 -10.44
C TYR A 654 21.06 13.41 -9.16
N ASP A 655 20.77 14.69 -8.97
CA ASP A 655 21.18 15.34 -7.72
C ASP A 655 20.52 14.79 -6.48
N ASP A 656 19.28 14.27 -6.59
CA ASP A 656 18.57 13.77 -5.42
C ASP A 656 18.67 12.26 -5.27
N CYS A 657 19.55 11.59 -6.01
CA CYS A 657 19.80 10.18 -5.80
C CYS A 657 21.24 9.86 -6.22
N PRO A 658 22.19 10.13 -5.32
CA PRO A 658 23.59 9.90 -5.51
C PRO A 658 23.90 8.44 -5.72
N ALA A 659 25.17 8.16 -6.04
CA ALA A 659 25.61 6.81 -6.32
C ALA A 659 25.97 5.92 -5.16
N HIS A 660 25.83 6.37 -3.92
CA HIS A 660 26.00 5.55 -2.74
C HIS A 660 25.00 6.13 -1.72
N PRO A 661 24.66 5.36 -0.70
CA PRO A 661 23.75 5.84 0.37
C PRO A 661 24.25 7.17 0.91
N THR A 662 23.37 8.16 1.03
CA THR A 662 23.75 9.51 1.43
C THR A 662 22.70 10.17 2.30
N TRP A 663 23.09 10.92 3.33
CA TRP A 663 22.17 11.68 4.13
C TRP A 663 21.89 12.98 3.39
N MET A 664 20.64 13.29 3.05
CA MET A 664 20.34 14.57 2.43
C MET A 664 19.18 15.21 3.19
N GLU A 665 19.07 16.52 3.26
CA GLU A 665 17.93 17.15 3.95
C GLU A 665 16.63 16.97 3.15
N PRO A 666 15.56 16.57 3.81
CA PRO A 666 14.27 16.44 3.14
C PRO A 666 13.57 17.78 3.03
N LEU A 667 12.50 17.84 2.26
CA LEU A 667 11.70 19.04 2.10
C LEU A 667 11.38 19.68 3.45
N GLU A 668 10.94 18.89 4.44
CA GLU A 668 10.59 19.38 5.77
C GLU A 668 10.78 18.24 6.76
N ARG A 669 11.36 18.50 7.94
CA ARG A 669 11.50 17.44 8.93
C ARG A 669 11.46 18.10 10.33
N LEU A 670 11.03 17.28 11.29
CA LEU A 670 10.91 17.71 12.67
C LEU A 670 12.24 18.26 13.16
N ASP A 671 12.28 19.50 13.61
CA ASP A 671 13.47 20.18 14.10
C ASP A 671 14.54 20.38 13.02
N GLY A 672 14.11 20.47 11.76
CA GLY A 672 15.08 20.71 10.69
C GLY A 672 15.40 22.20 10.74
N PRO A 673 16.51 22.60 10.14
CA PRO A 673 16.89 24.00 10.07
C PRO A 673 15.82 24.77 9.31
N GLY A 674 15.28 25.81 9.93
CA GLY A 674 14.24 26.65 9.37
C GLY A 674 12.90 26.02 9.13
N ALA A 675 12.60 24.87 9.72
CA ALA A 675 11.30 24.20 9.52
C ALA A 675 10.19 25.10 10.04
N LYS A 676 9.09 25.23 9.30
CA LYS A 676 8.02 26.11 9.75
C LYS A 676 7.06 25.56 10.76
N TYR A 677 6.72 24.28 10.68
CA TYR A 677 5.74 23.66 11.59
C TYR A 677 6.43 22.77 12.59
N PRO A 678 5.88 22.65 13.81
CA PRO A 678 6.55 21.99 14.90
C PRO A 678 6.33 20.51 15.05
N LEU A 679 5.29 19.91 14.50
CA LEU A 679 5.05 18.47 14.79
C LEU A 679 5.09 17.62 13.54
N HIS A 680 5.69 16.45 13.65
CA HIS A 680 5.69 15.49 12.54
C HIS A 680 4.43 14.63 12.63
N ILE A 681 3.76 14.42 11.51
CA ILE A 681 2.56 13.55 11.59
C ILE A 681 2.91 12.15 11.09
N ALA A 682 2.88 11.16 11.95
CA ALA A 682 3.09 9.77 11.59
C ALA A 682 1.85 9.32 10.83
N ALA A 683 1.79 9.52 9.53
CA ALA A 683 0.58 9.22 8.72
C ALA A 683 0.62 7.77 8.24
N SER A 684 0.56 6.86 9.21
CA SER A 684 0.79 5.45 8.97
C SER A 684 -0.47 4.65 8.78
N HIS A 685 -0.34 3.31 8.68
CA HIS A 685 -1.50 2.49 8.32
C HIS A 685 -2.42 2.26 9.50
N PRO A 686 -3.72 2.32 9.28
CA PRO A 686 -4.71 2.19 10.34
C PRO A 686 -4.80 0.81 10.96
N PHE A 687 -4.98 0.77 12.29
CA PHE A 687 -5.10 -0.51 12.98
C PHE A 687 -6.44 -1.17 12.68
N ASN A 688 -7.50 -0.36 12.70
CA ASN A 688 -8.84 -0.91 12.52
C ASN A 688 -9.55 -0.60 11.23
N ARG A 689 -8.74 -0.35 10.19
CA ARG A 689 -9.26 -0.26 8.83
C ARG A 689 -8.19 -0.96 7.93
N LEU A 690 -8.55 -1.21 6.69
CA LEU A 690 -7.62 -1.53 5.62
C LEU A 690 -7.66 -0.25 4.77
N HIS A 691 -6.72 0.68 4.96
CA HIS A 691 -6.75 2.00 4.32
C HIS A 691 -8.09 2.69 4.64
N SER A 692 -8.89 3.04 3.62
CA SER A 692 -10.20 3.65 3.85
C SER A 692 -11.28 2.59 4.04
N GLN A 693 -10.97 1.32 3.72
CA GLN A 693 -12.05 0.33 3.85
C GLN A 693 -12.54 0.17 5.27
N LEU A 694 -13.84 0.08 5.44
CA LEU A 694 -14.52 -0.11 6.74
C LEU A 694 -14.68 1.17 7.55
N ASN A 695 -14.37 2.35 7.01
CA ASN A 695 -14.55 3.60 7.75
C ASN A 695 -16.05 3.88 7.89
N GLY A 696 -16.85 3.47 6.92
CA GLY A 696 -18.31 3.69 6.99
C GLY A 696 -19.04 2.47 7.52
N THR A 697 -18.64 1.98 8.69
CA THR A 697 -19.22 0.82 9.32
C THR A 697 -19.26 1.06 10.85
N VAL A 698 -19.81 0.08 11.54
CA VAL A 698 -19.93 0.11 13.01
C VAL A 698 -18.58 0.17 13.69
N LEU A 699 -17.48 -0.32 13.15
CA LEU A 699 -16.20 -0.23 13.86
C LEU A 699 -15.78 1.21 14.13
N ARG A 700 -16.26 2.18 13.36
CA ARG A 700 -15.81 3.58 13.57
C ARG A 700 -16.18 4.08 14.96
N GLU A 701 -17.27 3.53 15.51
CA GLU A 701 -17.68 3.88 16.87
C GLU A 701 -16.62 3.58 17.89
N GLY A 702 -15.78 2.56 17.71
CA GLY A 702 -14.77 2.19 18.67
C GLY A 702 -13.55 3.08 18.66
N TYR A 703 -13.34 3.92 17.63
CA TYR A 703 -12.13 4.74 17.66
C TYR A 703 -12.44 6.20 17.39
N ALA A 704 -13.57 6.59 16.87
CA ALA A 704 -13.76 8.02 16.56
C ALA A 704 -13.81 8.84 17.84
N VAL A 705 -13.41 10.12 17.78
CA VAL A 705 -13.40 10.99 18.94
C VAL A 705 -14.24 12.21 18.59
N GLN A 706 -15.40 12.31 19.22
CA GLN A 706 -16.42 13.28 18.88
C GLN A 706 -16.81 13.11 17.41
N GLY A 707 -16.82 11.89 16.86
CA GLY A 707 -17.16 11.72 15.45
C GLY A 707 -16.01 11.84 14.47
N HIS A 708 -14.83 12.35 14.86
CA HIS A 708 -13.73 12.55 13.91
C HIS A 708 -12.66 11.48 14.01
N GLU A 709 -11.76 11.43 13.02
CA GLU A 709 -10.64 10.46 13.07
C GLU A 709 -9.78 10.83 14.27
N PRO A 710 -9.22 9.88 15.00
CA PRO A 710 -8.43 10.18 16.19
C PRO A 710 -7.04 10.69 15.85
N CYS A 711 -6.54 11.55 16.71
CA CYS A 711 -5.18 12.08 16.64
C CYS A 711 -4.47 11.75 17.96
N LEU A 712 -3.42 10.96 18.02
CA LEU A 712 -2.71 10.65 19.23
C LEU A 712 -1.68 11.79 19.50
N MET A 713 -1.67 12.30 20.71
CA MET A 713 -0.75 13.43 21.02
C MET A 713 -0.11 13.23 22.38
N HIS A 714 1.18 13.50 22.48
CA HIS A 714 1.91 13.39 23.74
C HIS A 714 1.38 14.43 24.74
N PRO A 715 1.26 14.07 26.01
CA PRO A 715 0.83 14.96 27.06
C PRO A 715 1.52 16.32 27.09
N ASP A 716 2.82 16.45 26.84
CA ASP A 716 3.44 17.77 26.88
C ASP A 716 3.08 18.64 25.70
N ASP A 717 2.84 18.03 24.54
CA ASP A 717 2.49 18.80 23.33
C ASP A 717 1.04 19.25 23.53
N ALA A 718 0.22 18.39 24.14
CA ALA A 718 -1.15 18.77 24.42
C ALA A 718 -1.17 19.93 25.43
N ALA A 719 -0.46 19.76 26.55
CA ALA A 719 -0.48 20.79 27.59
C ALA A 719 0.01 22.15 27.09
N ALA A 720 1.00 22.24 26.21
CA ALA A 720 1.49 23.52 25.72
C ALA A 720 0.46 24.28 24.88
N ARG A 721 -0.53 23.56 24.36
CA ARG A 721 -1.55 24.15 23.51
C ARG A 721 -2.86 24.31 24.24
N GLY A 722 -2.90 23.87 25.50
CA GLY A 722 -4.14 23.94 26.28
C GLY A 722 -5.16 22.92 25.78
N ILE A 723 -4.70 21.75 25.34
CA ILE A 723 -5.59 20.74 24.75
C ILE A 723 -5.79 19.63 25.77
N ALA A 724 -7.04 19.19 25.94
CA ALA A 724 -7.37 18.10 26.82
C ALA A 724 -7.81 16.86 26.04
N ASP A 725 -7.67 15.70 26.63
CA ASP A 725 -8.13 14.45 26.03
C ASP A 725 -9.55 14.54 25.54
N GLY A 726 -9.81 14.22 24.26
CA GLY A 726 -11.19 14.28 23.76
C GLY A 726 -11.57 15.57 23.06
N ASP A 727 -10.70 16.58 23.07
CA ASP A 727 -11.04 17.82 22.40
C ASP A 727 -10.97 17.63 20.88
N VAL A 728 -11.75 18.42 20.16
CA VAL A 728 -11.67 18.49 18.70
C VAL A 728 -10.57 19.50 18.38
N VAL A 729 -9.62 19.18 17.51
CA VAL A 729 -8.53 20.09 17.20
C VAL A 729 -8.48 20.35 15.70
N ARG A 730 -7.93 21.47 15.29
CA ARG A 730 -7.69 21.80 13.89
C ARG A 730 -6.19 21.54 13.63
N VAL A 731 -5.90 20.63 12.72
CA VAL A 731 -4.51 20.30 12.35
C VAL A 731 -4.23 20.96 11.00
N HIS A 732 -3.20 21.80 10.88
CA HIS A 732 -3.04 22.54 9.63
C HIS A 732 -1.60 22.88 9.28
N ASN A 733 -1.37 23.19 8.00
CA ASN A 733 -0.03 23.63 7.55
C ASN A 733 -0.24 24.48 6.31
N ASP A 734 0.74 24.76 5.44
CA ASP A 734 0.45 25.60 4.29
C ASP A 734 -0.37 24.90 3.20
N ARG A 735 -0.47 23.58 3.22
CA ARG A 735 -1.24 22.90 2.15
C ARG A 735 -2.70 22.68 2.48
N GLY A 736 -3.06 22.57 3.78
CA GLY A 736 -4.48 22.31 4.08
C GLY A 736 -4.80 22.39 5.57
N GLN A 737 -6.02 22.01 5.93
CA GLN A 737 -6.49 22.04 7.32
C GLN A 737 -7.58 20.99 7.49
N ILE A 738 -7.56 20.25 8.60
CA ILE A 738 -8.54 19.21 8.87
C ILE A 738 -8.92 19.25 10.36
N LEU A 739 -10.05 18.64 10.72
CA LEU A 739 -10.42 18.43 12.09
C LEU A 739 -10.16 16.99 12.52
N THR A 740 -9.65 16.80 13.73
CA THR A 740 -9.48 15.46 14.28
C THR A 740 -9.89 15.58 15.77
N GLY A 741 -9.95 14.44 16.43
CA GLY A 741 -10.32 14.38 17.85
C GLY A 741 -9.12 13.82 18.58
N VAL A 742 -8.65 14.48 19.64
CA VAL A 742 -7.43 14.05 20.30
C VAL A 742 -7.58 13.02 21.39
N LYS A 743 -6.62 12.12 21.47
CA LYS A 743 -6.46 11.11 22.52
C LYS A 743 -5.04 11.39 23.03
N VAL A 744 -4.91 11.79 24.29
CA VAL A 744 -3.62 12.15 24.87
C VAL A 744 -2.92 10.91 25.42
N THR A 745 -1.70 10.61 24.96
CA THR A 745 -1.01 9.42 25.36
C THR A 745 0.52 9.63 25.23
N ASP A 746 1.29 8.98 26.07
CA ASP A 746 2.74 9.04 25.86
C ASP A 746 3.23 7.88 24.99
N ALA A 747 2.31 7.19 24.30
CA ALA A 747 2.69 6.19 23.30
C ALA A 747 3.40 6.83 22.11
N VAL A 748 3.05 8.08 21.77
CA VAL A 748 3.76 8.78 20.70
C VAL A 748 4.88 9.63 21.34
N MET A 749 6.06 9.67 20.74
CA MET A 749 7.16 10.46 21.31
C MET A 749 6.82 11.94 21.16
N LYS A 750 7.37 12.78 22.03
CA LYS A 750 7.16 14.21 21.97
C LYS A 750 7.56 14.79 20.61
N GLY A 751 6.77 15.65 20.00
CA GLY A 751 7.10 16.21 18.69
C GLY A 751 6.44 15.42 17.55
N VAL A 752 5.76 14.32 17.87
CA VAL A 752 5.09 13.51 16.88
C VAL A 752 3.61 13.28 17.21
N ILE A 753 2.73 13.45 16.22
CA ILE A 753 1.32 13.09 16.43
C ILE A 753 1.01 11.94 15.46
N GLN A 754 0.11 11.05 15.84
CA GLN A 754 -0.29 9.95 14.94
C GLN A 754 -1.72 10.17 14.43
N ILE A 755 -1.82 10.36 13.12
CA ILE A 755 -3.11 10.44 12.43
C ILE A 755 -3.00 9.45 11.26
N TYR A 756 -3.63 8.28 11.39
CA TYR A 756 -3.55 7.27 10.32
C TYR A 756 -4.12 7.70 8.98
N GLU A 757 -3.56 7.16 7.90
CA GLU A 757 -4.13 7.38 6.55
C GLU A 757 -5.47 6.64 6.45
N GLY A 758 -6.31 7.02 5.49
CA GLY A 758 -7.56 6.27 5.28
C GLY A 758 -8.86 6.95 5.67
N GLY A 759 -8.79 8.08 6.39
CA GLY A 759 -10.05 8.73 6.81
C GLY A 759 -10.81 9.30 5.63
N TRP A 760 -12.14 9.19 5.65
CA TRP A 760 -12.92 9.69 4.52
C TRP A 760 -13.04 11.22 4.53
N TYR A 761 -12.30 11.86 3.63
CA TYR A 761 -12.32 13.29 3.37
C TYR A 761 -13.75 13.83 3.33
N ASP A 762 -14.10 14.80 4.16
CA ASP A 762 -15.50 15.31 4.13
C ASP A 762 -15.43 16.86 4.10
N PRO A 763 -15.23 17.43 2.93
CA PRO A 763 -15.05 18.86 2.76
C PRO A 763 -16.25 19.69 3.18
N SER A 764 -16.03 20.83 3.87
CA SER A 764 -17.14 21.69 4.22
C SER A 764 -17.81 22.23 2.95
N ASP A 765 -17.03 22.73 2.00
CA ASP A 765 -17.59 23.27 0.76
C ASP A 765 -16.69 22.96 -0.41
N VAL A 766 -17.11 22.08 -1.34
CA VAL A 766 -16.21 21.76 -2.45
C VAL A 766 -15.83 22.98 -3.30
N THR A 767 -16.64 24.04 -3.35
CA THR A 767 -16.23 25.16 -4.21
C THR A 767 -15.28 26.12 -3.54
N GLU A 768 -15.01 25.97 -2.26
CA GLU A 768 -14.10 26.87 -1.54
C GLU A 768 -12.69 26.33 -1.52
N PRO A 769 -11.71 27.02 -2.09
CA PRO A 769 -10.33 26.57 -2.15
C PRO A 769 -9.76 26.40 -0.76
N GLY A 770 -9.12 25.27 -0.47
CA GLY A 770 -8.57 24.99 0.84
C GLY A 770 -9.64 24.75 1.90
N THR A 771 -10.84 24.35 1.49
CA THR A 771 -11.92 24.16 2.49
C THR A 771 -11.51 23.23 3.61
N LEU A 772 -12.09 23.43 4.79
CA LEU A 772 -11.80 22.59 5.95
C LEU A 772 -12.37 21.17 5.78
N ASP A 773 -11.56 20.17 6.08
CA ASP A 773 -12.04 18.77 6.01
C ASP A 773 -12.69 18.47 7.34
N LYS A 774 -13.98 18.17 7.40
CA LYS A 774 -14.57 17.94 8.74
C LYS A 774 -14.23 16.61 9.42
N TYR A 775 -13.70 15.62 8.71
CA TYR A 775 -13.53 14.30 9.33
C TYR A 775 -12.13 13.95 9.75
N GLY A 776 -11.11 14.11 8.91
CA GLY A 776 -9.73 13.81 9.21
C GLY A 776 -9.01 12.95 8.19
N ASP A 777 -8.92 13.34 6.93
CA ASP A 777 -8.16 12.63 5.88
C ASP A 777 -6.75 13.25 5.97
N VAL A 778 -5.76 12.53 6.47
CA VAL A 778 -4.42 13.08 6.68
C VAL A 778 -3.74 13.52 5.39
N ASN A 779 -4.20 13.06 4.23
CA ASN A 779 -3.58 13.42 2.94
C ASN A 779 -3.97 14.81 2.46
N VAL A 780 -4.79 15.52 3.24
CA VAL A 780 -5.06 16.95 3.00
C VAL A 780 -3.81 17.73 3.41
N LEU A 781 -2.96 17.12 4.25
CA LEU A 781 -1.78 17.80 4.73
C LEU A 781 -0.48 17.36 4.05
N SER A 782 -0.50 16.26 3.33
CA SER A 782 0.79 15.80 2.77
C SER A 782 1.15 16.53 1.49
N ALA A 783 2.42 16.49 1.10
CA ALA A 783 2.90 17.11 -0.11
C ALA A 783 2.96 16.03 -1.21
N ASP A 784 2.71 16.48 -2.43
CA ASP A 784 2.69 15.56 -3.58
C ASP A 784 3.97 15.75 -4.39
N ILE A 785 5.06 15.08 -4.00
CA ILE A 785 6.34 15.21 -4.68
C ILE A 785 6.99 13.85 -4.85
N GLY A 786 7.94 13.68 -5.75
CA GLY A 786 8.62 12.40 -5.90
C GLY A 786 9.72 12.19 -4.89
N THR A 787 9.99 10.93 -4.53
CA THR A 787 11.06 10.62 -3.59
C THR A 787 12.40 11.14 -4.15
N SER A 788 12.62 10.95 -5.44
CA SER A 788 13.78 11.42 -6.15
C SER A 788 13.50 11.21 -7.65
N LYS A 789 14.44 11.59 -8.50
CA LYS A 789 14.26 11.34 -9.93
C LYS A 789 14.40 9.85 -10.25
N LEU A 790 15.01 9.09 -9.35
CA LEU A 790 15.21 7.67 -9.64
C LEU A 790 13.89 6.90 -9.65
N ALA A 791 13.12 6.97 -8.58
CA ALA A 791 11.89 6.18 -8.49
C ALA A 791 10.61 6.97 -8.58
N GLN A 792 10.63 8.30 -8.31
CA GLN A 792 9.38 9.06 -8.36
C GLN A 792 8.31 8.48 -7.45
N GLY A 793 8.70 7.98 -6.27
CA GLY A 793 7.77 7.34 -5.33
C GLY A 793 7.00 8.41 -4.57
N ASN A 794 5.94 8.06 -3.85
CA ASN A 794 5.22 9.10 -3.10
C ASN A 794 5.93 9.36 -1.77
N CYS A 795 5.70 10.54 -1.22
CA CYS A 795 6.31 10.90 0.07
C CYS A 795 5.20 11.11 1.08
N GLY A 796 4.24 10.19 1.16
CA GLY A 796 3.09 10.39 2.04
C GLY A 796 3.36 10.50 3.53
N GLN A 797 4.57 10.22 4.01
CA GLN A 797 4.88 10.35 5.43
C GLN A 797 5.89 11.47 5.69
N THR A 798 6.12 12.34 4.71
CA THR A 798 6.99 13.52 4.95
C THR A 798 6.06 14.68 5.28
N VAL A 799 5.61 14.79 6.54
CA VAL A 799 4.54 15.76 6.83
C VAL A 799 4.72 16.50 8.17
N LEU A 800 4.78 17.82 8.16
CA LEU A 800 4.84 18.59 9.40
C LEU A 800 3.58 19.45 9.52
N ALA A 801 3.14 19.70 10.75
CA ALA A 801 1.94 20.53 10.91
C ALA A 801 1.89 21.14 12.30
N GLU A 802 0.90 22.00 12.48
CA GLU A 802 0.66 22.60 13.80
C GLU A 802 -0.75 22.18 14.22
N VAL A 803 -1.01 22.12 15.53
CA VAL A 803 -2.31 21.70 16.04
C VAL A 803 -2.82 22.78 17.01
N GLU A 804 -4.08 23.14 16.93
CA GLU A 804 -4.69 24.07 17.87
C GLU A 804 -6.10 23.58 18.24
N LYS A 805 -6.54 23.89 19.45
CA LYS A 805 -7.89 23.52 19.88
C LYS A 805 -8.92 24.11 18.94
N TYR A 806 -9.88 23.36 18.43
CA TYR A 806 -10.82 23.94 17.47
C TYR A 806 -11.92 24.68 18.22
N THR A 807 -12.11 25.96 17.91
CA THR A 807 -13.11 26.78 18.59
C THR A 807 -14.07 27.43 17.59
N GLY A 808 -13.94 27.11 16.31
CA GLY A 808 -14.81 27.64 15.29
C GLY A 808 -16.25 27.13 15.44
N PRO A 809 -17.08 27.48 14.47
CA PRO A 809 -18.47 27.05 14.46
C PRO A 809 -18.59 25.54 14.39
N ALA A 810 -19.58 24.98 15.06
CA ALA A 810 -19.84 23.56 15.08
C ALA A 810 -20.06 23.08 13.64
N VAL A 811 -19.64 21.84 13.37
CA VAL A 811 -19.69 21.30 12.01
C VAL A 811 -20.53 20.04 11.97
N THR A 812 -21.22 19.75 10.88
CA THR A 812 -22.04 18.55 10.78
C THR A 812 -21.31 17.54 9.89
N LEU A 813 -21.17 16.31 10.36
CA LEU A 813 -20.45 15.34 9.53
C LEU A 813 -21.41 14.81 8.48
N THR A 814 -21.00 14.82 7.22
CA THR A 814 -21.91 14.32 6.17
C THR A 814 -21.29 13.14 5.42
N GLY A 815 -20.08 12.69 5.78
CA GLY A 815 -19.51 11.60 4.97
C GLY A 815 -19.96 10.19 5.22
N PHE A 816 -20.71 9.94 6.32
CA PHE A 816 -21.12 8.57 6.63
C PHE A 816 -22.60 8.32 6.43
N VAL A 817 -23.26 9.14 5.64
CA VAL A 817 -24.63 8.91 5.23
C VAL A 817 -24.61 9.17 3.71
N ALA A 818 -25.47 8.48 2.96
CA ALA A 818 -25.44 8.70 1.51
C ALA A 818 -25.92 10.09 1.13
N PRO A 819 -25.53 10.59 -0.03
CA PRO A 819 -26.06 11.82 -0.57
C PRO A 819 -27.57 11.67 -0.60
N LYS A 820 -28.31 12.73 -0.27
CA LYS A 820 -29.78 12.67 -0.22
C LYS A 820 -30.45 12.06 -1.42
N ALA A 821 -30.04 12.46 -2.62
CA ALA A 821 -30.59 11.91 -3.84
C ALA A 821 -30.31 10.42 -4.04
N ALA A 822 -29.36 9.82 -3.32
CA ALA A 822 -29.06 8.40 -3.49
C ALA A 822 -29.78 7.47 -2.53
N GLU A 823 -30.66 8.00 -1.69
CA GLU A 823 -31.38 7.17 -0.73
C GLU A 823 -32.41 6.32 -1.48
#